data_2YGV
#
_entry.id   2YGV
#
_cell.length_a   125.240
_cell.length_b   98.180
_cell.length_c   86.490
_cell.angle_alpha   90.00
_cell.angle_beta   132.49
_cell.angle_gamma   90.00
#
_symmetry.space_group_name_H-M   'C 1 2 1'
#
loop_
_entity.id
_entity.type
_entity.pdbx_description
1 polymer 'HISTONE CHAPERONE ASF1'
2 polymer 'SERINE/THREONINE-PROTEIN KINASE RAD53'
3 non-polymer 'SULFATE ION'
4 non-polymer GLYCEROL
5 water water
#
loop_
_entity_poly.entity_id
_entity_poly.type
_entity_poly.pdbx_seq_one_letter_code
_entity_poly.pdbx_strand_id
1 'polypeptide(L)'
;GAMSIVSLLGIKVLNNPAKFTDPYEFEITFECLESLKHDLEWKLTYVGSSRSLDHDQELDSILVGPVPVGVNKFVFSADP
PSAELIPASELVSVTVILLSCSYDGREFVRVGYYVNNEYDEEELRENPPAKVQVDHIVRNILAEKPRVTRFNIVWDNE
;
A,B,C,D
2 'polypeptide(L)' SKKVKRAKLDQTSKGPENLQFS E,F,G,H
#
loop_
_chem_comp.id
_chem_comp.type
_chem_comp.name
_chem_comp.formula
GOL non-polymer GLYCEROL 'C3 H8 O3'
SO4 non-polymer 'SULFATE ION' 'O4 S -2'
#
# COMPACT_ATOMS: atom_id res chain seq x y z
N SER A 4 18.94 -35.59 31.39
CA SER A 4 18.75 -34.39 30.57
C SER A 4 17.90 -34.63 29.30
N ILE A 5 16.68 -34.02 29.29
CA ILE A 5 15.64 -34.11 28.27
C ILE A 5 16.01 -33.39 26.98
N VAL A 6 16.40 -32.10 27.06
CA VAL A 6 16.80 -31.31 25.89
C VAL A 6 18.31 -31.32 25.76
N SER A 7 18.78 -31.88 24.65
CA SER A 7 20.19 -32.01 24.33
C SER A 7 20.41 -31.19 23.08
N LEU A 8 21.45 -30.32 23.08
CA LEU A 8 21.77 -29.49 21.91
C LEU A 8 22.62 -30.28 20.92
N LEU A 9 22.24 -30.29 19.63
CA LEU A 9 22.97 -31.04 18.59
C LEU A 9 23.96 -30.20 17.81
N GLY A 10 23.51 -29.08 17.26
CA GLY A 10 24.36 -28.18 16.50
C GLY A 10 23.78 -26.79 16.40
N ILE A 11 24.65 -25.84 16.05
CA ILE A 11 24.34 -24.42 15.83
C ILE A 11 25.08 -24.01 14.58
N LYS A 12 24.37 -23.29 13.71
CA LYS A 12 24.91 -22.75 12.47
C LYS A 12 24.75 -21.23 12.56
N VAL A 13 25.87 -20.50 12.53
CA VAL A 13 25.81 -19.04 12.52
C VAL A 13 25.67 -18.73 11.02
N LEU A 14 24.43 -18.36 10.62
CA LEU A 14 24.00 -18.16 9.25
C LEU A 14 24.55 -16.93 8.52
N ASN A 15 24.68 -15.80 9.21
CA ASN A 15 25.19 -14.61 8.58
C ASN A 15 26.57 -14.31 9.15
N ASN A 16 27.56 -15.08 8.69
CA ASN A 16 28.90 -14.87 9.15
C ASN A 16 29.95 -14.80 8.03
N PRO A 17 30.83 -13.75 7.96
CA PRO A 17 30.90 -12.55 8.80
C PRO A 17 29.72 -11.61 8.58
N ALA A 18 29.68 -10.47 9.32
CA ALA A 18 28.54 -9.54 9.29
C ALA A 18 28.90 -8.15 9.77
N LYS A 19 28.04 -7.15 9.47
CA LYS A 19 28.24 -5.81 10.00
C LYS A 19 28.02 -5.95 11.52
N PHE A 20 28.80 -5.24 12.36
CA PHE A 20 28.64 -5.28 13.81
C PHE A 20 27.15 -5.10 14.12
N THR A 21 26.54 -4.05 13.51
CA THR A 21 25.15 -3.61 13.65
C THR A 21 24.10 -4.57 13.04
N ASP A 22 24.55 -5.70 12.47
CA ASP A 22 23.62 -6.69 11.91
C ASP A 22 23.00 -7.53 13.02
N PRO A 23 21.76 -8.02 12.86
CA PRO A 23 21.21 -8.92 13.88
C PRO A 23 21.91 -10.26 13.76
N TYR A 24 22.03 -10.95 14.91
CA TYR A 24 22.64 -12.29 14.97
C TYR A 24 21.61 -13.30 14.45
N GLU A 25 22.02 -14.21 13.57
CA GLU A 25 21.14 -15.22 12.99
C GLU A 25 21.67 -16.60 13.20
N PHE A 26 21.12 -17.31 14.20
CA PHE A 26 21.52 -18.67 14.55
C PHE A 26 20.48 -19.69 14.19
N GLU A 27 20.90 -20.82 13.62
CA GLU A 27 19.99 -21.92 13.28
C GLU A 27 20.29 -23.05 14.27
N ILE A 28 19.53 -23.06 15.36
CA ILE A 28 19.68 -24.00 16.47
C ILE A 28 18.91 -25.29 16.23
N THR A 29 19.61 -26.43 16.43
CA THR A 29 19.12 -27.81 16.28
C THR A 29 19.47 -28.56 17.51
N PHE A 30 18.43 -29.08 18.15
CA PHE A 30 18.54 -29.83 19.40
C PHE A 30 17.64 -31.03 19.37
N GLU A 31 17.97 -32.02 20.19
CA GLU A 31 17.11 -33.17 20.36
C GLU A 31 16.42 -33.14 21.71
N CYS A 32 15.20 -33.65 21.73
CA CYS A 32 14.32 -33.63 22.88
C CYS A 32 13.73 -35.04 23.06
N LEU A 33 13.91 -35.62 24.26
CA LEU A 33 13.50 -37.02 24.53
C LEU A 33 12.17 -37.28 25.20
N GLU A 34 11.64 -36.27 25.89
CA GLU A 34 10.32 -36.34 26.47
C GLU A 34 9.59 -35.06 26.09
N SER A 35 8.25 -35.12 26.02
CA SER A 35 7.48 -33.91 25.71
C SER A 35 7.61 -32.94 26.88
N LEU A 36 7.79 -31.64 26.59
CA LEU A 36 7.95 -30.68 27.68
C LEU A 36 6.70 -29.89 27.98
N LYS A 37 6.41 -29.73 29.27
CA LYS A 37 5.24 -29.01 29.77
C LYS A 37 5.33 -27.53 29.38
N HIS A 38 6.55 -26.96 29.35
CA HIS A 38 6.74 -25.55 29.07
C HIS A 38 7.65 -25.21 27.89
N ASP A 39 7.90 -23.90 27.74
CA ASP A 39 8.75 -23.28 26.74
C ASP A 39 10.20 -23.34 27.14
N LEU A 40 11.09 -23.32 26.15
CA LEU A 40 12.53 -23.25 26.36
C LEU A 40 12.88 -21.78 26.13
N GLU A 41 13.88 -21.26 26.85
CA GLU A 41 14.25 -19.88 26.64
C GLU A 41 15.70 -19.73 26.25
N TRP A 42 15.92 -19.24 25.03
CA TRP A 42 17.25 -18.99 24.50
C TRP A 42 17.57 -17.54 24.73
N LYS A 43 18.77 -17.32 25.20
CA LYS A 43 19.28 -16.00 25.50
C LYS A 43 20.64 -15.81 24.80
N LEU A 44 20.87 -14.61 24.26
CA LEU A 44 22.14 -14.23 23.65
C LEU A 44 22.78 -13.10 24.41
N THR A 45 23.97 -13.36 24.94
CA THR A 45 24.72 -12.38 25.73
C THR A 45 25.98 -11.93 25.03
N TYR A 46 26.20 -10.62 25.03
CA TYR A 46 27.41 -9.99 24.54
C TYR A 46 28.41 -9.84 25.69
N VAL A 47 29.64 -10.29 25.46
CA VAL A 47 30.72 -10.25 26.45
C VAL A 47 31.97 -9.64 25.79
N GLY A 48 32.44 -8.53 26.33
CA GLY A 48 33.62 -7.88 25.77
C GLY A 48 34.24 -6.77 26.61
N SER A 49 35.53 -6.96 26.93
CA SER A 49 36.40 -6.09 27.72
C SER A 49 36.06 -4.63 27.63
N SER A 50 35.74 -4.00 28.75
CA SER A 50 35.51 -2.55 28.79
C SER A 50 35.88 -1.98 30.17
N ARG A 51 36.22 -0.69 30.20
CA ARG A 51 36.60 0.03 31.41
C ARG A 51 35.40 0.37 32.28
N SER A 52 34.23 0.69 31.67
CA SER A 52 32.97 1.02 32.35
C SER A 52 32.41 -0.22 33.09
N LEU A 53 33.23 -0.74 34.08
CA LEU A 53 33.09 -1.93 34.95
C LEU A 53 32.55 -3.13 34.20
N ASP A 54 31.30 -2.96 33.75
CA ASP A 54 30.46 -3.83 32.96
C ASP A 54 29.92 -5.08 33.60
N HIS A 55 28.67 -5.29 33.24
CA HIS A 55 27.73 -6.33 33.55
C HIS A 55 27.36 -6.76 32.11
N ASP A 56 27.75 -8.00 31.71
CA ASP A 56 27.52 -8.60 30.39
C ASP A 56 26.20 -8.17 29.74
N GLN A 57 26.25 -7.73 28.50
CA GLN A 57 25.09 -7.24 27.76
C GLN A 57 24.17 -8.42 27.36
N GLU A 58 22.89 -8.41 27.75
CA GLU A 58 21.92 -9.42 27.28
C GLU A 58 21.38 -8.89 25.98
N LEU A 59 21.77 -9.49 24.85
CA LEU A 59 21.32 -8.97 23.57
C LEU A 59 19.87 -9.21 23.28
N ASP A 60 19.36 -10.47 23.48
CA ASP A 60 17.98 -10.86 23.17
C ASP A 60 17.60 -12.18 23.81
N SER A 61 16.29 -12.42 23.86
CA SER A 61 15.66 -13.62 24.40
C SER A 61 14.63 -14.09 23.42
N ILE A 62 14.42 -15.41 23.38
CA ILE A 62 13.43 -16.03 22.51
C ILE A 62 12.84 -17.26 23.18
N LEU A 63 11.52 -17.43 23.05
CA LEU A 63 10.83 -18.61 23.59
C LEU A 63 10.53 -19.58 22.48
N VAL A 64 10.84 -20.85 22.70
CA VAL A 64 10.57 -21.92 21.77
C VAL A 64 9.29 -22.55 22.29
N GLY A 65 8.23 -22.45 21.46
CA GLY A 65 6.86 -22.92 21.69
C GLY A 65 6.70 -24.32 22.23
N PRO A 66 5.53 -24.97 22.07
CA PRO A 66 5.39 -26.35 22.61
C PRO A 66 6.43 -27.28 21.98
N VAL A 67 7.35 -27.79 22.82
CA VAL A 67 8.47 -28.60 22.36
C VAL A 67 8.09 -30.06 22.07
N PRO A 68 8.02 -30.47 20.78
CA PRO A 68 7.72 -31.87 20.48
C PRO A 68 8.95 -32.77 20.65
N VAL A 69 8.73 -34.08 20.70
CA VAL A 69 9.81 -35.07 20.84
C VAL A 69 10.48 -35.25 19.49
N GLY A 70 11.80 -35.48 19.53
CA GLY A 70 12.64 -35.69 18.36
C GLY A 70 13.61 -34.54 18.17
N VAL A 71 14.15 -34.42 16.94
CA VAL A 71 15.07 -33.33 16.57
C VAL A 71 14.26 -32.07 16.12
N ASN A 72 14.60 -30.90 16.70
CA ASN A 72 13.91 -29.65 16.39
C ASN A 72 14.85 -28.58 15.94
N LYS A 73 14.43 -27.83 14.92
CA LYS A 73 15.22 -26.78 14.30
C LYS A 73 14.45 -25.46 14.48
N PHE A 74 15.20 -24.37 14.72
CA PHE A 74 14.65 -23.03 14.74
C PHE A 74 15.73 -21.96 14.49
N VAL A 75 15.29 -20.72 14.27
CA VAL A 75 16.20 -19.62 14.04
C VAL A 75 16.05 -18.57 15.10
N PHE A 76 17.16 -18.31 15.78
CA PHE A 76 17.23 -17.26 16.75
C PHE A 76 17.80 -16.03 16.03
N SER A 77 16.94 -15.02 15.88
CA SER A 77 17.27 -13.73 15.28
C SER A 77 17.45 -12.75 16.42
N ALA A 78 18.66 -12.71 16.95
CA ALA A 78 18.95 -11.83 18.08
C ALA A 78 19.31 -10.40 17.60
N ASP A 79 18.90 -9.39 18.38
CA ASP A 79 19.17 -8.00 18.10
C ASP A 79 20.67 -7.76 18.31
N PRO A 80 21.29 -6.84 17.54
CA PRO A 80 22.75 -6.61 17.70
C PRO A 80 23.10 -5.79 18.96
N PRO A 81 24.40 -5.60 19.32
CA PRO A 81 24.71 -4.78 20.50
C PRO A 81 24.49 -3.30 20.22
N SER A 82 24.13 -2.52 21.26
CA SER A 82 23.96 -1.07 21.09
C SER A 82 25.34 -0.43 21.13
N ALA A 83 25.58 0.56 20.24
CA ALA A 83 26.83 1.32 20.16
C ALA A 83 27.15 1.99 21.51
N GLU A 84 26.07 2.37 22.22
CA GLU A 84 26.07 3.03 23.55
C GLU A 84 26.66 2.19 24.63
N LEU A 85 26.68 0.86 24.43
CA LEU A 85 27.18 -0.10 25.39
C LEU A 85 28.43 -0.87 24.92
N ILE A 86 29.34 -0.17 24.24
CA ILE A 86 30.63 -0.64 23.74
C ILE A 86 31.66 0.53 23.76
N PRO A 87 32.93 0.28 24.18
CA PRO A 87 33.97 1.34 24.18
C PRO A 87 33.96 2.31 23.01
N ALA A 88 34.02 3.61 23.31
CA ALA A 88 34.02 4.67 22.33
C ALA A 88 35.42 4.99 21.78
N SER A 89 36.45 4.83 22.61
CA SER A 89 37.87 5.11 22.36
C SER A 89 38.65 3.97 21.74
N GLU A 90 38.17 2.70 21.87
CA GLU A 90 38.91 1.54 21.35
C GLU A 90 38.05 0.47 20.77
N LEU A 91 38.52 -0.13 19.65
CA LEU A 91 37.83 -1.24 19.00
C LEU A 91 38.35 -2.49 19.70
N VAL A 92 37.44 -3.17 20.44
CA VAL A 92 37.84 -4.42 21.10
C VAL A 92 37.87 -5.55 20.04
N SER A 93 39.06 -5.82 19.50
CA SER A 93 39.33 -6.78 18.45
C SER A 93 38.73 -8.16 18.71
N VAL A 94 38.92 -8.72 19.92
CA VAL A 94 38.34 -10.04 20.25
C VAL A 94 37.31 -9.93 21.38
N THR A 95 36.03 -10.20 21.04
CA THR A 95 34.91 -10.21 21.99
C THR A 95 34.36 -11.63 22.06
N VAL A 96 33.30 -11.85 22.86
CA VAL A 96 32.65 -13.16 23.12
C VAL A 96 31.12 -13.07 23.10
N ILE A 97 30.45 -14.06 22.52
CA ILE A 97 28.98 -14.11 22.58
C ILE A 97 28.61 -15.41 23.28
N LEU A 98 27.71 -15.31 24.26
CA LEU A 98 27.23 -16.46 24.96
C LEU A 98 25.78 -16.77 24.57
N LEU A 99 25.57 -17.98 24.06
CA LEU A 99 24.24 -18.45 23.72
C LEU A 99 23.81 -19.45 24.80
N SER A 100 22.77 -19.10 25.58
CA SER A 100 22.34 -19.99 26.65
C SER A 100 20.88 -20.38 26.58
N CYS A 101 20.53 -21.55 27.13
CA CYS A 101 19.14 -22.01 27.20
C CYS A 101 18.73 -22.33 28.60
N SER A 102 17.48 -21.98 28.93
CA SER A 102 16.82 -22.14 30.22
C SER A 102 15.50 -22.92 30.17
N TYR A 103 15.19 -23.67 31.25
CA TYR A 103 13.91 -24.37 31.38
C TYR A 103 13.37 -24.23 32.78
N ASP A 104 12.19 -23.62 32.90
CA ASP A 104 11.55 -23.31 34.17
C ASP A 104 12.45 -22.35 34.99
N GLY A 105 13.16 -21.46 34.29
CA GLY A 105 14.00 -20.42 34.86
C GLY A 105 15.41 -20.84 35.25
N ARG A 106 15.85 -22.03 34.81
CA ARG A 106 17.21 -22.50 35.08
C ARG A 106 17.88 -22.83 33.77
N GLU A 107 19.09 -22.25 33.57
CA GLU A 107 19.99 -22.46 32.44
C GLU A 107 20.54 -23.88 32.56
N PHE A 108 20.55 -24.64 31.47
CA PHE A 108 21.08 -26.02 31.43
C PHE A 108 22.12 -26.13 30.34
N VAL A 109 22.22 -25.11 29.52
CA VAL A 109 23.22 -25.11 28.47
C VAL A 109 23.73 -23.72 28.12
N ARG A 110 25.05 -23.57 27.98
CA ARG A 110 25.74 -22.34 27.61
C ARG A 110 26.80 -22.67 26.51
N VAL A 111 26.77 -21.92 25.42
CA VAL A 111 27.67 -22.07 24.29
C VAL A 111 28.38 -20.73 24.15
N GLY A 112 29.71 -20.79 24.22
CA GLY A 112 30.55 -19.61 24.12
C GLY A 112 31.37 -19.60 22.85
N TYR A 113 31.37 -18.44 22.16
CA TYR A 113 32.11 -18.23 20.92
C TYR A 113 32.99 -17.01 21.04
N TYR A 114 34.12 -17.00 20.33
CA TYR A 114 34.99 -15.83 20.23
C TYR A 114 34.61 -15.14 18.96
N VAL A 115 34.63 -13.80 18.98
CA VAL A 115 34.27 -13.02 17.80
C VAL A 115 35.42 -12.10 17.41
N ASN A 116 35.87 -12.14 16.15
CA ASN A 116 36.91 -11.24 15.68
C ASN A 116 36.26 -10.01 15.09
N ASN A 117 36.68 -8.82 15.52
CA ASN A 117 36.12 -7.57 15.03
C ASN A 117 37.24 -6.68 14.43
N GLU A 118 36.98 -6.16 13.22
CA GLU A 118 37.90 -5.26 12.52
C GLU A 118 37.12 -4.31 11.62
N TYR A 119 37.76 -3.21 11.17
CA TYR A 119 37.12 -2.24 10.27
C TYR A 119 37.09 -2.80 8.84
N ASP A 120 36.06 -2.41 8.06
CA ASP A 120 35.89 -2.84 6.66
C ASP A 120 36.91 -2.25 5.69
N GLU A 121 37.32 -0.98 5.92
CA GLU A 121 38.29 -0.23 5.11
C GLU A 121 39.73 -0.60 5.44
N GLU A 122 40.52 -0.79 4.38
CA GLU A 122 41.94 -1.15 4.38
C GLU A 122 42.82 -0.14 5.13
N GLU A 123 42.48 1.15 5.01
CA GLU A 123 43.15 2.29 5.64
C GLU A 123 42.66 2.53 7.07
N LEU A 124 41.34 2.31 7.32
CA LEU A 124 40.65 2.49 8.61
C LEU A 124 41.23 1.49 9.62
N ARG A 125 41.61 0.29 9.12
CA ARG A 125 42.25 -0.76 9.89
C ARG A 125 43.66 -0.29 10.34
N GLU A 126 44.38 0.42 9.44
CA GLU A 126 45.75 0.95 9.65
C GLU A 126 45.79 2.25 10.49
N ASN A 127 44.89 3.19 10.19
CA ASN A 127 44.78 4.46 10.93
C ASN A 127 43.42 4.48 11.70
N PRO A 128 43.30 3.73 12.83
CA PRO A 128 42.03 3.69 13.53
C PRO A 128 41.65 5.03 14.15
N PRO A 129 40.44 5.55 13.82
CA PRO A 129 40.02 6.86 14.36
C PRO A 129 40.02 6.94 15.88
N ALA A 130 40.06 8.18 16.40
CA ALA A 130 40.03 8.48 17.84
C ALA A 130 38.78 7.86 18.48
N LYS A 131 37.61 8.04 17.82
CA LYS A 131 36.31 7.48 18.23
C LYS A 131 35.98 6.35 17.26
N VAL A 132 35.40 5.26 17.77
CA VAL A 132 35.05 4.10 16.95
C VAL A 132 33.94 4.32 15.95
N GLN A 133 34.13 3.81 14.73
CA GLN A 133 33.13 3.87 13.65
C GLN A 133 32.39 2.53 13.67
N VAL A 134 31.31 2.45 14.48
CA VAL A 134 30.47 1.26 14.68
C VAL A 134 29.91 0.71 13.36
N ASP A 135 29.52 1.63 12.47
CA ASP A 135 28.99 1.32 11.15
C ASP A 135 30.06 0.81 10.19
N HIS A 136 31.33 0.77 10.62
CA HIS A 136 32.47 0.28 9.84
C HIS A 136 33.11 -1.01 10.35
N ILE A 137 32.59 -1.54 11.49
CA ILE A 137 33.09 -2.79 12.07
C ILE A 137 32.42 -3.97 11.38
N VAL A 138 33.20 -5.01 11.15
CA VAL A 138 32.76 -6.28 10.58
C VAL A 138 33.14 -7.36 11.61
N ARG A 139 32.13 -8.10 12.08
CA ARG A 139 32.34 -9.20 13.02
C ARG A 139 32.51 -10.54 12.34
N ASN A 140 33.33 -11.40 12.93
CA ASN A 140 33.46 -12.76 12.46
C ASN A 140 33.46 -13.72 13.64
N ILE A 141 32.30 -14.39 13.84
CA ILE A 141 32.09 -15.36 14.92
C ILE A 141 32.86 -16.66 14.61
N LEU A 142 33.73 -17.07 15.52
CA LEU A 142 34.50 -18.29 15.27
C LEU A 142 33.63 -19.48 15.66
N ALA A 143 32.59 -19.64 14.83
CA ALA A 143 31.50 -20.57 14.91
C ALA A 143 31.88 -22.03 14.86
N GLU A 144 32.94 -22.37 14.14
CA GLU A 144 33.39 -23.74 14.02
C GLU A 144 34.04 -24.26 15.31
N LYS A 145 34.38 -23.35 16.25
CA LYS A 145 35.04 -23.65 17.51
C LYS A 145 34.33 -23.14 18.80
N PRO A 146 33.15 -23.70 19.18
CA PRO A 146 32.48 -23.24 20.40
C PRO A 146 32.83 -24.05 21.64
N ARG A 147 32.52 -23.52 22.84
CA ARG A 147 32.70 -24.20 24.12
C ARG A 147 31.32 -24.46 24.70
N VAL A 148 30.93 -25.73 24.81
CA VAL A 148 29.63 -26.08 25.35
C VAL A 148 29.66 -26.51 26.82
N THR A 149 28.80 -25.90 27.65
CA THR A 149 28.69 -26.22 29.07
C THR A 149 27.29 -26.65 29.46
N ARG A 150 27.19 -27.78 30.19
CA ARG A 150 25.92 -28.31 30.69
C ARG A 150 25.78 -28.02 32.18
N PHE A 151 24.56 -27.71 32.63
CA PHE A 151 24.26 -27.48 34.05
C PHE A 151 23.18 -28.48 34.40
N ASN A 152 23.42 -29.27 35.49
CA ASN A 152 22.45 -30.28 35.87
C ASN A 152 21.27 -29.61 36.53
N ILE A 153 20.11 -29.65 35.84
CA ILE A 153 18.87 -29.00 36.29
C ILE A 153 17.67 -29.94 36.42
N VAL A 154 16.65 -29.47 37.19
CA VAL A 154 15.36 -30.12 37.49
C VAL A 154 14.41 -29.87 36.28
N TRP A 155 13.95 -30.93 35.62
CA TRP A 155 13.10 -30.75 34.43
C TRP A 155 11.59 -30.62 34.71
N ASP A 156 10.84 -31.73 34.61
CA ASP A 156 9.41 -31.70 34.85
C ASP A 156 9.00 -32.45 36.10
N ASN A 157 7.88 -31.98 36.73
CA ASN A 157 7.17 -32.51 37.91
C ASN A 157 6.01 -31.59 38.31
N MET B 3 8.78 30.58 -16.67
CA MET B 3 7.48 31.13 -17.09
C MET B 3 6.40 30.05 -17.18
N SER B 4 5.20 30.36 -16.65
CA SER B 4 4.06 29.45 -16.63
C SER B 4 2.76 30.14 -17.08
N ILE B 5 2.28 29.81 -18.31
CA ILE B 5 1.04 30.35 -18.89
C ILE B 5 -0.19 29.82 -18.09
N VAL B 6 -0.09 28.58 -17.58
CA VAL B 6 -1.16 27.94 -16.79
C VAL B 6 -0.69 27.65 -15.39
N SER B 7 -1.39 28.22 -14.42
CA SER B 7 -1.10 27.96 -13.00
C SER B 7 -2.31 27.36 -12.37
N LEU B 8 -2.14 26.21 -11.74
CA LEU B 8 -3.22 25.52 -11.05
C LEU B 8 -3.56 26.27 -9.75
N LEU B 9 -4.86 26.55 -9.52
CA LEU B 9 -5.30 27.28 -8.34
C LEU B 9 -5.89 26.35 -7.29
N GLY B 10 -6.79 25.46 -7.70
CA GLY B 10 -7.36 24.52 -6.75
C GLY B 10 -7.96 23.26 -7.32
N ILE B 11 -7.97 22.22 -6.51
CA ILE B 11 -8.63 20.98 -6.84
C ILE B 11 -9.54 20.66 -5.68
N LYS B 12 -10.79 20.31 -6.02
CA LYS B 12 -11.79 19.92 -5.07
C LYS B 12 -12.14 18.51 -5.45
N VAL B 13 -11.83 17.56 -4.53
CA VAL B 13 -12.18 16.15 -4.71
C VAL B 13 -13.63 16.09 -4.24
N LEU B 14 -14.56 16.07 -5.21
CA LEU B 14 -15.99 16.21 -4.96
C LEU B 14 -16.68 15.11 -4.21
N ASN B 15 -16.50 13.86 -4.63
CA ASN B 15 -17.16 12.71 -4.02
C ASN B 15 -16.21 11.92 -3.09
N ASN B 16 -15.96 12.46 -1.89
CA ASN B 16 -15.05 11.84 -0.97
C ASN B 16 -15.58 11.65 0.47
N PRO B 17 -15.53 10.41 1.04
CA PRO B 17 -15.08 9.10 0.47
C PRO B 17 -15.99 8.59 -0.65
N ALA B 18 -15.69 7.41 -1.23
CA ALA B 18 -16.44 6.79 -2.32
C ALA B 18 -16.13 5.32 -2.42
N LYS B 19 -16.97 4.56 -3.14
CA LYS B 19 -16.74 3.13 -3.39
C LYS B 19 -15.48 3.08 -4.23
N PHE B 20 -14.62 2.04 -4.05
CA PHE B 20 -13.38 1.85 -4.83
C PHE B 20 -13.69 1.98 -6.33
N THR B 21 -14.81 1.32 -6.73
CA THR B 21 -15.40 1.20 -8.07
C THR B 21 -16.11 2.49 -8.58
N ASP B 22 -16.16 3.55 -7.75
CA ASP B 22 -16.76 4.82 -8.17
C ASP B 22 -15.82 5.60 -9.08
N PRO B 23 -16.34 6.40 -10.02
CA PRO B 23 -15.46 7.25 -10.83
C PRO B 23 -14.94 8.38 -9.94
N TYR B 24 -13.77 8.86 -10.29
CA TYR B 24 -13.15 9.98 -9.57
C TYR B 24 -13.77 11.28 -10.11
N GLU B 25 -14.10 12.25 -9.25
CA GLU B 25 -14.69 13.49 -9.73
C GLU B 25 -13.99 14.68 -9.15
N PHE B 26 -13.17 15.32 -9.98
CA PHE B 26 -12.39 16.48 -9.57
C PHE B 26 -12.90 17.75 -10.18
N GLU B 27 -12.94 18.83 -9.39
CA GLU B 27 -13.32 20.14 -9.88
C GLU B 27 -12.04 20.99 -9.90
N ILE B 28 -11.39 21.00 -11.09
CA ILE B 28 -10.12 21.68 -11.29
C ILE B 28 -10.30 23.14 -11.67
N THR B 29 -9.55 23.98 -10.95
CA THR B 29 -9.52 25.41 -11.13
C THR B 29 -8.07 25.82 -11.39
N PHE B 30 -7.88 26.57 -12.49
CA PHE B 30 -6.59 27.11 -12.93
C PHE B 30 -6.76 28.47 -13.61
N GLU B 31 -5.68 29.22 -13.65
CA GLU B 31 -5.56 30.51 -14.30
C GLU B 31 -4.77 30.32 -15.57
N CYS B 32 -5.26 30.92 -16.66
CA CYS B 32 -4.59 30.93 -17.95
C CYS B 32 -4.16 32.38 -18.22
N LEU B 33 -2.87 32.60 -18.47
CA LEU B 33 -2.36 33.96 -18.63
C LEU B 33 -2.42 34.54 -20.01
N GLU B 34 -2.12 33.73 -21.02
CA GLU B 34 -2.12 34.10 -22.42
C GLU B 34 -2.96 33.08 -23.17
N SER B 35 -3.49 33.43 -24.34
CA SER B 35 -4.30 32.46 -25.06
C SER B 35 -3.41 31.31 -25.57
N LEU B 36 -3.93 30.06 -25.48
CA LEU B 36 -3.14 28.90 -25.89
C LEU B 36 -3.54 28.36 -27.26
N LYS B 37 -2.51 28.04 -28.06
CA LYS B 37 -2.69 27.48 -29.40
C LYS B 37 -3.36 26.10 -29.34
N HIS B 38 -3.07 25.30 -28.31
CA HIS B 38 -3.60 23.94 -28.20
C HIS B 38 -4.41 23.63 -26.94
N ASP B 39 -4.75 22.34 -26.82
CA ASP B 39 -5.48 21.75 -25.71
C ASP B 39 -4.55 21.43 -24.54
N LEU B 40 -5.12 21.38 -23.33
CA LEU B 40 -4.40 20.97 -22.14
C LEU B 40 -4.80 19.53 -21.93
N GLU B 41 -3.91 18.70 -21.41
CA GLU B 41 -4.28 17.33 -21.16
C GLU B 41 -4.11 16.95 -19.69
N TRP B 42 -5.24 16.65 -19.05
CA TRP B 42 -5.26 16.19 -17.67
C TRP B 42 -5.27 14.68 -17.68
N LYS B 43 -4.42 14.11 -16.83
CA LYS B 43 -4.25 12.69 -16.72
C LYS B 43 -4.35 12.34 -15.26
N LEU B 44 -5.02 11.21 -14.98
CA LEU B 44 -5.17 10.69 -13.64
C LEU B 44 -4.53 9.35 -13.66
N THR B 45 -3.58 9.14 -12.73
CA THR B 45 -2.76 7.93 -12.58
C THR B 45 -2.94 7.20 -11.22
N TYR B 46 -3.24 5.88 -11.28
CA TYR B 46 -3.35 5.03 -10.08
C TYR B 46 -1.98 4.44 -9.76
N VAL B 47 -1.53 4.62 -8.50
CA VAL B 47 -0.23 4.15 -8.04
C VAL B 47 -0.42 3.38 -6.72
N GLY B 48 -0.02 2.12 -6.71
CA GLY B 48 -0.18 1.30 -5.53
C GLY B 48 0.47 -0.06 -5.61
N SER B 49 1.36 -0.32 -4.61
CA SER B 49 2.14 -1.53 -4.38
C SER B 49 1.49 -2.81 -4.94
N SER B 50 2.24 -3.54 -5.78
CA SER B 50 1.86 -4.80 -6.39
C SER B 50 3.10 -5.67 -6.54
N ARG B 51 2.97 -6.97 -6.28
CA ARG B 51 4.09 -7.91 -6.42
C ARG B 51 4.12 -8.58 -7.84
N SER B 52 3.18 -8.17 -8.70
CA SER B 52 2.93 -8.63 -10.07
C SER B 52 3.07 -7.45 -11.05
N LEU B 53 4.07 -6.60 -10.74
CA LEU B 53 4.44 -5.36 -11.41
C LEU B 53 3.37 -4.60 -12.25
N ASP B 54 3.29 -4.88 -13.60
CA ASP B 54 2.48 -4.19 -14.65
C ASP B 54 2.88 -2.69 -14.78
N HIS B 55 3.57 -2.18 -13.72
CA HIS B 55 4.13 -0.86 -13.44
C HIS B 55 3.21 0.35 -13.47
N ASP B 56 2.24 0.36 -12.52
CA ASP B 56 1.21 1.41 -12.30
C ASP B 56 0.00 1.41 -13.30
N GLN B 57 -0.92 2.41 -13.19
CA GLN B 57 -2.16 2.41 -13.99
C GLN B 57 -2.60 3.82 -14.42
N GLU B 58 -2.74 4.06 -15.74
CA GLU B 58 -3.28 5.36 -16.17
C GLU B 58 -4.79 5.19 -16.20
N LEU B 59 -5.47 5.84 -15.27
CA LEU B 59 -6.92 5.78 -15.09
C LEU B 59 -7.74 6.43 -16.21
N ASP B 60 -7.41 7.68 -16.58
CA ASP B 60 -8.13 8.44 -17.60
C ASP B 60 -7.37 9.69 -18.02
N SER B 61 -7.79 10.22 -19.16
CA SER B 61 -7.28 11.42 -19.79
C SER B 61 -8.43 12.29 -20.19
N ILE B 62 -8.22 13.59 -20.17
CA ILE B 62 -9.23 14.55 -20.59
C ILE B 62 -8.55 15.75 -21.24
N LEU B 63 -9.14 16.22 -22.34
CA LEU B 63 -8.63 17.39 -23.05
C LEU B 63 -9.50 18.57 -22.72
N VAL B 64 -8.87 19.68 -22.36
CA VAL B 64 -9.55 20.94 -22.09
C VAL B 64 -9.42 21.73 -23.38
N GLY B 65 -10.58 22.00 -24.01
CA GLY B 65 -10.78 22.65 -25.31
C GLY B 65 -10.03 23.94 -25.52
N PRO B 66 -10.46 24.84 -26.45
CA PRO B 66 -9.73 26.11 -26.63
C PRO B 66 -9.64 26.89 -25.31
N VAL B 67 -8.41 27.02 -24.76
CA VAL B 67 -8.19 27.63 -23.45
C VAL B 67 -8.27 29.15 -23.46
N PRO B 68 -9.35 29.76 -22.90
CA PRO B 68 -9.41 31.22 -22.84
C PRO B 68 -8.57 31.75 -21.68
N VAL B 69 -8.28 33.04 -21.71
CA VAL B 69 -7.50 33.70 -20.66
C VAL B 69 -8.38 33.93 -19.44
N GLY B 70 -7.74 33.87 -18.26
CA GLY B 70 -8.39 34.12 -16.99
C GLY B 70 -8.50 32.90 -16.12
N VAL B 71 -9.35 32.97 -15.08
CA VAL B 71 -9.59 31.87 -14.15
C VAL B 71 -10.66 30.93 -14.75
N ASN B 72 -10.26 29.67 -14.95
CA ASN B 72 -11.10 28.65 -15.56
C ASN B 72 -11.41 27.54 -14.59
N LYS B 73 -12.54 26.88 -14.81
CA LYS B 73 -13.04 25.80 -13.96
C LYS B 73 -13.56 24.69 -14.84
N PHE B 74 -13.35 23.44 -14.43
CA PHE B 74 -13.89 22.27 -15.13
C PHE B 74 -13.94 21.02 -14.22
N VAL B 75 -14.62 19.97 -14.68
CA VAL B 75 -14.77 18.75 -13.93
C VAL B 75 -14.17 17.59 -14.65
N PHE B 76 -13.19 16.96 -13.99
CA PHE B 76 -12.56 15.77 -14.51
C PHE B 76 -13.27 14.60 -13.88
N SER B 77 -13.99 13.86 -14.70
CA SER B 77 -14.69 12.66 -14.28
C SER B 77 -13.85 11.49 -14.75
N ALA B 78 -12.89 11.08 -13.90
CA ALA B 78 -11.98 9.99 -14.26
C ALA B 78 -12.58 8.62 -13.95
N ASP B 79 -12.35 7.65 -14.84
CA ASP B 79 -12.83 6.29 -14.70
C ASP B 79 -12.11 5.65 -13.51
N PRO B 80 -12.75 4.72 -12.77
CA PRO B 80 -12.08 4.09 -11.60
C PRO B 80 -11.04 3.03 -12.00
N PRO B 81 -10.21 2.51 -11.06
CA PRO B 81 -9.26 1.43 -11.45
C PRO B 81 -9.98 0.13 -11.77
N SER B 82 -9.46 -0.67 -12.68
CA SER B 82 -10.08 -1.97 -12.96
C SER B 82 -9.72 -2.96 -11.87
N ALA B 83 -10.71 -3.74 -11.41
CA ALA B 83 -10.54 -4.74 -10.33
C ALA B 83 -9.45 -5.73 -10.67
N GLU B 84 -9.34 -6.06 -11.96
CA GLU B 84 -8.37 -6.99 -12.50
C GLU B 84 -6.95 -6.52 -12.18
N LEU B 85 -6.71 -5.22 -12.36
CA LEU B 85 -5.41 -4.58 -12.17
C LEU B 85 -5.13 -4.03 -10.77
N ILE B 86 -5.56 -4.81 -9.76
CA ILE B 86 -5.34 -4.61 -8.33
C ILE B 86 -5.20 -5.98 -7.62
N PRO B 87 -4.17 -6.16 -6.72
CA PRO B 87 -3.97 -7.44 -6.01
C PRO B 87 -5.22 -8.18 -5.58
N ALA B 88 -5.27 -9.50 -5.86
CA ALA B 88 -6.38 -10.37 -5.52
C ALA B 88 -6.31 -10.93 -4.11
N SER B 89 -5.08 -11.14 -3.62
CA SER B 89 -4.78 -11.73 -2.30
C SER B 89 -4.68 -10.72 -1.15
N GLU B 90 -4.41 -9.43 -1.47
CA GLU B 90 -4.21 -8.42 -0.43
C GLU B 90 -4.89 -7.10 -0.71
N LEU B 91 -5.47 -6.47 0.31
CA LEU B 91 -6.05 -5.14 0.18
C LEU B 91 -4.91 -4.17 0.50
N VAL B 92 -4.49 -3.40 -0.50
CA VAL B 92 -3.44 -2.40 -0.29
C VAL B 92 -4.09 -1.18 0.39
N SER B 93 -3.97 -1.14 1.72
CA SER B 93 -4.53 -0.12 2.60
C SER B 93 -4.23 1.32 2.17
N VAL B 94 -2.96 1.63 1.87
CA VAL B 94 -2.58 2.97 1.44
C VAL B 94 -2.07 2.97 0.00
N THR B 95 -2.82 3.62 -0.89
CA THR B 95 -2.46 3.78 -2.30
C THR B 95 -2.28 5.27 -2.59
N VAL B 96 -2.08 5.61 -3.87
CA VAL B 96 -1.82 6.95 -4.37
C VAL B 96 -2.50 7.23 -5.73
N ILE B 97 -2.90 8.48 -5.91
CA ILE B 97 -3.41 8.93 -7.20
C ILE B 97 -2.63 10.17 -7.63
N LEU B 98 -2.17 10.17 -8.87
CA LEU B 98 -1.43 11.29 -9.42
C LEU B 98 -2.24 11.98 -10.49
N LEU B 99 -2.48 13.27 -10.25
CA LEU B 99 -3.18 14.12 -11.19
C LEU B 99 -2.15 15.04 -11.86
N SER B 100 -1.93 14.85 -13.17
CA SER B 100 -0.95 15.61 -13.95
C SER B 100 -1.54 16.35 -15.14
N CYS B 101 -1.07 17.60 -15.39
CA CYS B 101 -1.42 18.35 -16.59
C CYS B 101 -0.23 18.61 -17.49
N SER B 102 -0.43 18.36 -18.80
CA SER B 102 0.53 18.49 -19.88
C SER B 102 0.06 19.42 -20.98
N TYR B 103 0.97 20.20 -21.58
CA TYR B 103 0.76 21.06 -22.76
C TYR B 103 1.90 20.82 -23.74
N ASP B 104 1.52 20.41 -24.96
CA ASP B 104 2.42 20.02 -26.04
C ASP B 104 3.30 18.83 -25.64
N GLY B 105 2.69 17.90 -24.93
CA GLY B 105 3.35 16.68 -24.52
C GLY B 105 4.28 16.73 -23.32
N ARG B 106 4.25 17.87 -22.59
CA ARG B 106 5.12 18.07 -21.44
C ARG B 106 4.30 18.38 -20.19
N GLU B 107 4.60 17.64 -19.11
CA GLU B 107 3.99 17.75 -17.81
C GLU B 107 4.48 19.02 -17.15
N PHE B 108 3.59 19.90 -16.75
CA PHE B 108 4.03 21.12 -16.08
C PHE B 108 3.54 21.20 -14.63
N VAL B 109 2.73 20.21 -14.22
CA VAL B 109 2.15 20.09 -12.88
C VAL B 109 1.76 18.65 -12.60
N ARG B 110 2.08 18.19 -11.40
CA ARG B 110 1.76 16.89 -10.84
C ARG B 110 1.23 17.13 -9.42
N VAL B 111 0.08 16.56 -9.10
CA VAL B 111 -0.59 16.64 -7.79
C VAL B 111 -0.74 15.20 -7.32
N GLY B 112 -0.12 14.90 -6.20
CA GLY B 112 -0.10 13.57 -5.59
C GLY B 112 -0.88 13.53 -4.31
N TYR B 113 -1.73 12.52 -4.17
CA TYR B 113 -2.58 12.31 -3.00
C TYR B 113 -2.39 10.91 -2.47
N TYR B 114 -2.50 10.75 -1.13
CA TYR B 114 -2.53 9.44 -0.50
C TYR B 114 -4.00 9.04 -0.35
N VAL B 115 -4.30 7.75 -0.56
CA VAL B 115 -5.68 7.27 -0.47
C VAL B 115 -5.78 6.14 0.55
N ASN B 116 -6.71 6.24 1.51
CA ASN B 116 -6.90 5.18 2.50
C ASN B 116 -7.99 4.27 2.01
N ASN B 117 -7.71 2.96 1.97
CA ASN B 117 -8.67 1.96 1.50
C ASN B 117 -8.94 0.92 2.58
N GLU B 118 -10.23 0.66 2.83
CA GLU B 118 -10.67 -0.30 3.84
C GLU B 118 -12.01 -0.86 3.43
N TYR B 119 -12.43 -1.99 4.06
CA TYR B 119 -13.72 -2.60 3.78
C TYR B 119 -14.84 -1.81 4.50
N ASP B 120 -16.05 -1.81 3.91
CA ASP B 120 -17.23 -1.12 4.45
C ASP B 120 -17.77 -1.81 5.71
N GLU B 121 -17.74 -3.18 5.75
CA GLU B 121 -18.23 -4.00 6.87
C GLU B 121 -17.22 -4.10 8.03
N GLU B 122 -17.74 -3.93 9.24
CA GLU B 122 -17.04 -3.98 10.51
C GLU B 122 -16.37 -5.30 10.78
N GLU B 123 -16.98 -6.40 10.33
CA GLU B 123 -16.50 -7.77 10.47
C GLU B 123 -15.51 -8.14 9.39
N LEU B 124 -15.74 -7.62 8.17
CA LEU B 124 -14.85 -7.84 7.01
C LEU B 124 -13.50 -7.14 7.26
N ARG B 125 -13.51 -6.03 8.04
CA ARG B 125 -12.33 -5.29 8.44
C ARG B 125 -11.49 -6.16 9.37
N GLU B 126 -12.17 -6.99 10.19
CA GLU B 126 -11.57 -7.87 11.20
C GLU B 126 -11.17 -9.23 10.63
N ASN B 127 -12.03 -9.87 9.81
CA ASN B 127 -11.77 -11.17 9.18
C ASN B 127 -11.66 -10.96 7.65
N PRO B 128 -10.54 -10.37 7.15
CA PRO B 128 -10.44 -10.10 5.70
C PRO B 128 -10.40 -11.37 4.87
N PRO B 129 -11.29 -11.48 3.87
CA PRO B 129 -11.33 -12.70 3.03
C PRO B 129 -10.03 -13.03 2.33
N ALA B 130 -9.87 -14.31 1.93
CA ALA B 130 -8.68 -14.79 1.20
C ALA B 130 -8.48 -14.00 -0.09
N LYS B 131 -9.57 -13.81 -0.86
CA LYS B 131 -9.59 -13.01 -2.09
C LYS B 131 -10.36 -11.72 -1.80
N VAL B 132 -9.87 -10.59 -2.32
CA VAL B 132 -10.44 -9.26 -2.06
C VAL B 132 -11.84 -9.03 -2.62
N GLN B 133 -12.71 -8.37 -1.81
CA GLN B 133 -14.07 -8.01 -2.18
C GLN B 133 -14.02 -6.56 -2.65
N VAL B 134 -13.77 -6.36 -3.95
CA VAL B 134 -13.64 -5.04 -4.59
C VAL B 134 -14.88 -4.15 -4.39
N ASP B 135 -16.06 -4.77 -4.44
CA ASP B 135 -17.35 -4.12 -4.25
C ASP B 135 -17.59 -3.72 -2.79
N HIS B 136 -16.67 -4.10 -1.89
CA HIS B 136 -16.73 -3.79 -0.45
C HIS B 136 -15.65 -2.80 0.04
N ILE B 137 -14.75 -2.36 -0.85
CA ILE B 137 -13.72 -1.39 -0.51
C ILE B 137 -14.30 0.04 -0.61
N VAL B 138 -13.92 0.87 0.35
CA VAL B 138 -14.26 2.28 0.42
C VAL B 138 -12.94 3.07 0.45
N ARG B 139 -12.77 3.97 -0.52
CA ARG B 139 -11.60 4.81 -0.62
C ARG B 139 -11.82 6.14 0.04
N ASN B 140 -10.77 6.68 0.63
CA ASN B 140 -10.79 8.01 1.18
C ASN B 140 -9.52 8.75 0.80
N ILE B 141 -9.65 9.65 -0.19
CA ILE B 141 -8.57 10.48 -0.72
C ILE B 141 -8.21 11.55 0.30
N LEU B 142 -6.94 11.60 0.70
CA LEU B 142 -6.56 12.61 1.65
C LEU B 142 -6.29 13.89 0.87
N ALA B 143 -7.42 14.43 0.38
CA ALA B 143 -7.59 15.59 -0.48
C ALA B 143 -7.10 16.91 0.09
N GLU B 144 -7.07 17.08 1.41
CA GLU B 144 -6.60 18.34 1.95
C GLU B 144 -5.07 18.37 2.09
N LYS B 145 -4.40 17.22 1.93
CA LYS B 145 -2.93 17.17 2.05
C LYS B 145 -2.27 16.81 0.71
N PRO B 146 -2.41 17.55 -0.43
CA PRO B 146 -1.75 17.10 -1.67
C PRO B 146 -0.34 17.64 -1.80
N ARG B 147 0.46 17.02 -2.69
CA ARG B 147 1.83 17.46 -2.97
C ARG B 147 1.80 18.00 -4.39
N VAL B 148 2.02 19.30 -4.55
CA VAL B 148 1.96 19.93 -5.86
C VAL B 148 3.35 20.21 -6.37
N THR B 149 3.63 19.72 -7.59
CA THR B 149 4.92 19.93 -8.22
C THR B 149 4.75 20.65 -9.53
N ARG B 150 5.49 21.73 -9.71
CA ARG B 150 5.54 22.53 -10.94
C ARG B 150 6.83 22.16 -11.71
N PHE B 151 6.72 22.01 -13.04
CA PHE B 151 7.86 21.76 -13.88
C PHE B 151 7.90 22.87 -14.88
N ASN B 152 9.07 23.51 -15.10
CA ASN B 152 9.11 24.55 -16.12
C ASN B 152 9.16 23.93 -17.50
N ILE B 153 8.19 24.32 -18.35
CA ILE B 153 8.07 23.82 -19.72
C ILE B 153 8.14 24.95 -20.77
N VAL B 154 8.36 24.55 -22.02
CA VAL B 154 8.36 25.39 -23.22
C VAL B 154 6.87 25.46 -23.64
N TRP B 155 6.30 26.67 -23.70
CA TRP B 155 4.87 26.81 -24.03
C TRP B 155 4.54 26.90 -25.51
N ASP B 156 4.44 28.14 -26.05
CA ASP B 156 4.09 28.32 -27.46
C ASP B 156 5.25 28.75 -28.34
N ASN B 157 6.02 29.79 -27.90
CA ASN B 157 7.22 30.39 -28.53
C ASN B 157 7.46 30.13 -30.04
N MET C 3 -42.41 34.10 1.90
CA MET C 3 -41.01 33.73 1.66
C MET C 3 -40.60 32.37 2.28
N SER C 4 -39.99 31.52 1.45
CA SER C 4 -39.54 30.19 1.85
C SER C 4 -38.14 30.21 2.40
N ILE C 5 -37.94 29.43 3.47
CA ILE C 5 -36.68 29.27 4.21
C ILE C 5 -35.63 28.56 3.36
N VAL C 6 -36.02 27.52 2.64
CA VAL C 6 -35.06 26.84 1.77
C VAL C 6 -35.43 27.06 0.29
N SER C 7 -34.51 27.66 -0.47
CA SER C 7 -34.72 27.89 -1.89
C SER C 7 -33.55 27.35 -2.64
N LEU C 8 -33.84 26.55 -3.69
CA LEU C 8 -32.83 25.98 -4.54
C LEU C 8 -32.30 27.08 -5.45
N LEU C 9 -30.96 27.23 -5.54
CA LEU C 9 -30.32 28.25 -6.38
C LEU C 9 -29.79 27.65 -7.69
N GLY C 10 -29.15 26.49 -7.62
CA GLY C 10 -28.67 25.84 -8.83
C GLY C 10 -28.16 24.42 -8.68
N ILE C 11 -28.11 23.72 -9.83
CA ILE C 11 -27.65 22.34 -9.92
C ILE C 11 -26.71 22.26 -11.07
N LYS C 12 -25.58 21.57 -10.87
CA LYS C 12 -24.57 21.35 -11.87
C LYS C 12 -24.43 19.85 -11.96
N VAL C 13 -24.76 19.29 -13.13
CA VAL C 13 -24.59 17.85 -13.35
C VAL C 13 -23.11 17.75 -13.77
N LEU C 14 -22.30 17.25 -12.85
CA LEU C 14 -20.86 17.21 -12.99
C LEU C 14 -20.28 16.22 -13.99
N ASN C 15 -20.86 15.01 -14.08
CA ASN C 15 -20.39 14.01 -15.02
C ASN C 15 -21.37 13.80 -16.20
N ASN C 16 -21.39 14.73 -17.19
CA ASN C 16 -22.36 14.66 -18.28
C ASN C 16 -21.78 14.95 -19.67
N PRO C 17 -21.84 14.00 -20.63
CA PRO C 17 -22.43 12.64 -20.56
C PRO C 17 -21.65 11.64 -19.72
N ALA C 18 -22.23 10.43 -19.51
CA ALA C 18 -21.60 9.37 -18.72
C ALA C 18 -22.06 7.99 -19.09
N LYS C 19 -21.43 6.95 -18.55
CA LYS C 19 -21.86 5.57 -18.77
C LYS C 19 -23.17 5.43 -18.02
N PHE C 20 -24.13 4.67 -18.56
CA PHE C 20 -25.44 4.42 -17.92
C PHE C 20 -25.21 4.00 -16.44
N THR C 21 -24.23 3.07 -16.26
CA THR C 21 -23.78 2.43 -15.03
C THR C 21 -22.96 3.35 -14.10
N ASP C 22 -22.69 4.59 -14.50
CA ASP C 22 -21.95 5.54 -13.68
C ASP C 22 -22.84 6.11 -12.57
N PRO C 23 -22.28 6.46 -11.39
CA PRO C 23 -23.09 7.12 -10.36
C PRO C 23 -23.37 8.55 -10.83
N TYR C 24 -24.51 9.07 -10.39
CA TYR C 24 -24.90 10.44 -10.71
C TYR C 24 -24.15 11.37 -9.78
N GLU C 25 -23.59 12.46 -10.35
CA GLU C 25 -22.86 13.47 -9.59
C GLU C 25 -23.50 14.84 -9.74
N PHE C 26 -24.17 15.32 -8.66
CA PHE C 26 -24.80 16.63 -8.71
C PHE C 26 -24.14 17.55 -7.70
N GLU C 27 -23.89 18.81 -8.10
CA GLU C 27 -23.36 19.84 -7.21
C GLU C 27 -24.52 20.81 -6.94
N ILE C 28 -25.26 20.54 -5.85
CA ILE C 28 -26.44 21.31 -5.47
C ILE C 28 -26.08 22.53 -4.64
N THR C 29 -26.70 23.62 -5.00
CA THR C 29 -26.49 24.92 -4.41
C THR C 29 -27.86 25.48 -3.99
N PHE C 30 -28.10 25.49 -2.68
CA PHE C 30 -29.34 26.02 -2.16
C PHE C 30 -29.09 27.10 -1.07
N GLU C 31 -30.10 27.96 -0.80
CA GLU C 31 -30.07 28.95 0.26
C GLU C 31 -30.91 28.46 1.44
N CYS C 32 -30.59 28.99 2.61
CA CYS C 32 -31.26 28.67 3.86
C CYS C 32 -31.41 29.93 4.69
N LEU C 33 -32.65 30.47 4.73
CA LEU C 33 -32.96 31.74 5.38
C LEU C 33 -32.97 31.79 6.87
N GLU C 34 -33.47 30.76 7.53
CA GLU C 34 -33.52 30.66 8.98
C GLU C 34 -32.96 29.31 9.38
N SER C 35 -32.46 29.19 10.62
CA SER C 35 -31.90 27.90 11.03
C SER C 35 -33.04 26.86 11.12
N LEU C 36 -32.75 25.63 10.62
CA LEU C 36 -33.80 24.61 10.66
C LEU C 36 -33.63 23.56 11.75
N LYS C 37 -34.78 23.12 12.30
CA LYS C 37 -34.85 22.12 13.35
C LYS C 37 -34.31 20.79 12.85
N HIS C 38 -34.61 20.45 11.58
CA HIS C 38 -34.19 19.17 10.99
C HIS C 38 -33.30 19.20 9.75
N ASP C 39 -33.11 17.99 9.21
CA ASP C 39 -32.32 17.68 8.02
C ASP C 39 -33.18 17.88 6.77
N LEU C 40 -32.49 18.15 5.64
CA LEU C 40 -33.15 18.27 4.36
C LEU C 40 -32.91 16.91 3.70
N GLU C 41 -33.85 16.44 2.90
CA GLU C 41 -33.62 15.16 2.26
C GLU C 41 -33.70 15.26 0.76
N TRP C 42 -32.58 15.00 0.10
CA TRP C 42 -32.51 15.00 -1.36
C TRP C 42 -32.70 13.60 -1.82
N LYS C 43 -33.53 13.46 -2.83
CA LYS C 43 -33.89 12.18 -3.41
C LYS C 43 -33.69 12.31 -4.90
N LEU C 44 -33.02 11.31 -5.53
CA LEU C 44 -32.87 11.24 -6.98
C LEU C 44 -33.67 10.04 -7.43
N THR C 45 -34.56 10.25 -8.39
CA THR C 45 -35.43 9.15 -8.78
C THR C 45 -35.53 8.96 -10.29
N TYR C 46 -35.35 7.69 -10.74
CA TYR C 46 -35.35 7.27 -12.14
C TYR C 46 -36.74 7.05 -12.67
N VAL C 47 -37.06 7.64 -13.84
CA VAL C 47 -38.38 7.55 -14.48
C VAL C 47 -38.19 7.16 -15.95
N GLY C 48 -38.74 6.02 -16.34
CA GLY C 48 -38.62 5.57 -17.72
C GLY C 48 -39.52 4.43 -18.14
N SER C 49 -40.29 4.67 -19.22
CA SER C 49 -41.22 3.77 -19.91
C SER C 49 -40.82 2.27 -19.88
N SER C 50 -41.70 1.44 -19.32
CA SER C 50 -41.55 -0.01 -19.27
C SER C 50 -42.94 -0.59 -19.33
N ARG C 51 -43.01 -1.82 -19.78
CA ARG C 51 -44.26 -2.53 -19.93
C ARG C 51 -44.49 -3.50 -18.76
N SER C 52 -44.01 -3.08 -17.56
CA SER C 52 -44.06 -3.70 -16.22
C SER C 52 -42.70 -3.72 -15.57
N LEU C 53 -42.45 -2.69 -14.78
CA LEU C 53 -41.29 -2.40 -13.93
C LEU C 53 -41.74 -1.22 -13.05
N ASP C 54 -42.86 -0.60 -13.46
CA ASP C 54 -43.55 0.51 -12.80
C ASP C 54 -42.69 1.78 -12.53
N HIS C 55 -42.33 2.40 -13.66
CA HIS C 55 -41.67 3.66 -14.03
C HIS C 55 -41.19 4.67 -12.97
N ASP C 56 -41.01 4.23 -11.72
CA ASP C 56 -40.50 5.05 -10.63
C ASP C 56 -39.57 4.18 -9.82
N GLN C 57 -38.28 4.36 -10.05
CA GLN C 57 -37.16 3.74 -9.35
C GLN C 57 -36.57 4.85 -8.45
N GLU C 58 -36.51 4.65 -7.12
CA GLU C 58 -35.85 5.64 -6.25
C GLU C 58 -34.37 5.27 -6.25
N LEU C 59 -33.54 6.08 -6.91
CA LEU C 59 -32.10 5.83 -7.05
C LEU C 59 -31.30 5.96 -5.78
N ASP C 60 -31.48 7.07 -5.05
CA ASP C 60 -30.74 7.35 -3.81
C ASP C 60 -31.34 8.49 -3.02
N SER C 61 -30.95 8.56 -1.74
CA SER C 61 -31.34 9.58 -0.79
C SER C 61 -30.10 10.07 -0.10
N ILE C 62 -30.15 11.33 0.32
CA ILE C 62 -29.05 11.94 1.06
C ILE C 62 -29.63 12.95 2.03
N LEU C 63 -29.09 12.96 3.25
CA LEU C 63 -29.51 13.92 4.26
C LEU C 63 -28.48 15.02 4.36
N VAL C 64 -28.95 16.26 4.34
CA VAL C 64 -28.10 17.43 4.51
C VAL C 64 -28.24 17.77 5.98
N GLY C 65 -27.12 17.59 6.72
CA GLY C 65 -26.93 17.76 8.17
C GLY C 65 -27.48 19.04 8.75
N PRO C 66 -26.95 19.53 9.87
CA PRO C 66 -27.47 20.80 10.43
C PRO C 66 -27.34 21.93 9.40
N VAL C 67 -28.49 22.43 8.91
CA VAL C 67 -28.51 23.42 7.85
C VAL C 67 -28.20 24.83 8.35
N PRO C 68 -27.00 25.37 8.00
CA PRO C 68 -26.67 26.73 8.42
C PRO C 68 -27.36 27.76 7.54
N VAL C 69 -27.54 28.97 8.07
CA VAL C 69 -28.14 30.08 7.36
C VAL C 69 -27.16 30.57 6.29
N GLY C 70 -27.67 30.76 5.08
CA GLY C 70 -26.89 31.30 3.97
C GLY C 70 -26.79 30.40 2.76
N VAL C 71 -25.91 30.80 1.82
CA VAL C 71 -25.67 30.06 0.59
C VAL C 71 -24.85 28.80 0.81
N ASN C 72 -25.52 27.65 0.66
CA ASN C 72 -24.94 26.33 0.86
C ASN C 72 -24.66 25.64 -0.45
N LYS C 73 -23.68 24.70 -0.42
CA LYS C 73 -23.22 23.93 -1.58
C LYS C 73 -22.88 22.55 -1.11
N PHE C 74 -23.23 21.53 -1.89
CA PHE C 74 -22.89 20.13 -1.56
C PHE C 74 -22.94 19.23 -2.80
N VAL C 75 -22.45 18.00 -2.67
CA VAL C 75 -22.43 17.05 -3.77
C VAL C 75 -23.24 15.82 -3.47
N PHE C 76 -24.26 15.60 -4.33
CA PHE C 76 -25.07 14.42 -4.21
C PHE C 76 -24.50 13.40 -5.18
N SER C 77 -23.93 12.33 -4.61
CA SER C 77 -23.39 11.20 -5.36
C SER C 77 -24.40 10.08 -5.31
N ALA C 78 -25.37 10.09 -6.22
CA ALA C 78 -26.45 9.10 -6.23
C ALA C 78 -26.12 7.87 -7.06
N ASP C 79 -26.38 6.69 -6.48
CA ASP C 79 -26.17 5.37 -7.08
C ASP C 79 -26.84 5.30 -8.45
N PRO C 80 -26.26 4.56 -9.43
CA PRO C 80 -26.91 4.50 -10.78
C PRO C 80 -28.13 3.57 -10.80
N PRO C 81 -28.94 3.53 -11.89
CA PRO C 81 -30.06 2.58 -11.91
C PRO C 81 -29.53 1.16 -12.05
N SER C 82 -30.22 0.17 -11.49
CA SER C 82 -29.74 -1.19 -11.66
C SER C 82 -30.12 -1.67 -13.07
N ALA C 83 -29.19 -2.36 -13.77
CA ALA C 83 -29.38 -2.88 -15.12
C ALA C 83 -30.59 -3.79 -15.16
N GLU C 84 -30.79 -4.51 -14.06
CA GLU C 84 -31.87 -5.45 -13.87
C GLU C 84 -33.24 -4.74 -14.04
N LEU C 85 -33.35 -3.53 -13.46
CA LEU C 85 -34.57 -2.72 -13.44
C LEU C 85 -34.67 -1.69 -14.56
N ILE C 86 -34.32 -2.15 -15.77
CA ILE C 86 -34.43 -1.46 -17.06
C ILE C 86 -34.69 -2.52 -18.16
N PRO C 87 -35.68 -2.27 -19.07
CA PRO C 87 -36.00 -3.22 -20.15
C PRO C 87 -34.82 -3.96 -20.78
N ALA C 88 -34.96 -5.28 -20.96
CA ALA C 88 -33.92 -6.13 -21.57
C ALA C 88 -33.99 -6.17 -23.11
N SER C 89 -35.21 -6.03 -23.66
CA SER C 89 -35.53 -6.07 -25.07
C SER C 89 -35.47 -4.72 -25.80
N GLU C 90 -35.52 -3.59 -25.06
CA GLU C 90 -35.54 -2.27 -25.69
C GLU C 90 -34.66 -1.24 -24.97
N LEU C 91 -33.95 -0.42 -25.76
CA LEU C 91 -33.18 0.69 -25.21
C LEU C 91 -34.17 1.87 -25.19
N VAL C 92 -34.57 2.31 -23.97
CA VAL C 92 -35.47 3.45 -23.85
C VAL C 92 -34.62 4.73 -24.07
N SER C 93 -34.64 5.22 -25.32
CA SER C 93 -33.90 6.37 -25.80
C SER C 93 -34.06 7.61 -24.90
N VAL C 94 -35.31 7.98 -24.55
CA VAL C 94 -35.55 9.14 -23.69
C VAL C 94 -36.16 8.73 -22.34
N THR C 95 -35.37 8.94 -21.26
CA THR C 95 -35.82 8.70 -19.89
C THR C 95 -35.84 10.05 -19.14
N VAL C 96 -36.19 10.02 -17.86
CA VAL C 96 -36.28 11.20 -16.98
C VAL C 96 -35.56 10.87 -15.66
N ILE C 97 -35.08 11.89 -14.94
CA ILE C 97 -34.54 11.82 -13.59
C ILE C 97 -35.16 12.96 -12.77
N LEU C 98 -35.72 12.63 -11.61
CA LEU C 98 -36.32 13.62 -10.72
C LEU C 98 -35.46 13.81 -9.50
N LEU C 99 -35.04 15.05 -9.27
CA LEU C 99 -34.26 15.41 -8.10
C LEU C 99 -35.18 16.23 -7.16
N SER C 100 -35.54 15.66 -6.00
CA SER C 100 -36.45 16.35 -5.09
C SER C 100 -35.89 16.57 -3.70
N CYS C 101 -36.26 17.69 -3.04
CA CYS C 101 -35.86 17.91 -1.65
C CYS C 101 -37.07 17.96 -0.76
N SER C 102 -36.95 17.31 0.42
CA SER C 102 -37.98 17.20 1.45
C SER C 102 -37.48 17.81 2.73
N TYR C 103 -38.43 18.19 3.60
CA TYR C 103 -38.27 18.62 5.01
C TYR C 103 -39.47 18.09 5.79
N ASP C 104 -39.24 17.41 6.95
CA ASP C 104 -40.32 16.81 7.78
C ASP C 104 -41.29 15.95 6.95
N GLY C 105 -40.72 15.20 6.03
CA GLY C 105 -41.44 14.29 5.17
C GLY C 105 -42.23 14.90 4.03
N ARG C 106 -42.23 16.24 3.92
CA ARG C 106 -42.94 17.02 2.89
C ARG C 106 -41.96 17.59 1.87
N GLU C 107 -42.23 17.39 0.57
CA GLU C 107 -41.41 17.86 -0.55
C GLU C 107 -41.74 19.31 -0.83
N PHE C 108 -40.72 20.14 -0.97
CA PHE C 108 -40.91 21.55 -1.29
C PHE C 108 -40.46 21.86 -2.72
N VAL C 109 -39.44 21.15 -3.21
CA VAL C 109 -38.95 21.35 -4.58
C VAL C 109 -38.83 20.01 -5.27
N ARG C 110 -39.03 20.01 -6.60
CA ARG C 110 -38.81 18.90 -7.53
C ARG C 110 -38.18 19.48 -8.79
N VAL C 111 -37.08 18.87 -9.25
CA VAL C 111 -36.37 19.26 -10.47
C VAL C 111 -36.39 18.03 -11.38
N GLY C 112 -36.94 18.21 -12.58
CA GLY C 112 -37.06 17.16 -13.58
C GLY C 112 -36.20 17.43 -14.78
N TYR C 113 -35.48 16.40 -15.23
CA TYR C 113 -34.61 16.44 -16.41
C TYR C 113 -34.96 15.34 -17.39
N TYR C 114 -34.74 15.61 -18.69
CA TYR C 114 -34.87 14.58 -19.72
C TYR C 114 -33.47 14.04 -19.97
N VAL C 115 -33.36 12.73 -20.21
CA VAL C 115 -32.06 12.08 -20.41
C VAL C 115 -32.06 11.36 -21.76
N ASN C 116 -31.06 11.62 -22.60
CA ASN C 116 -30.94 10.92 -23.88
C ASN C 116 -30.00 9.75 -23.69
N ASN C 117 -30.42 8.56 -24.12
CA ASN C 117 -29.62 7.35 -23.98
C ASN C 117 -29.39 6.70 -25.34
N GLU C 118 -28.14 6.36 -25.65
CA GLU C 118 -27.73 5.73 -26.90
C GLU C 118 -26.47 4.91 -26.68
N TYR C 119 -26.13 4.03 -27.63
CA TYR C 119 -24.92 3.19 -27.56
C TYR C 119 -23.68 3.98 -27.92
N ASP C 120 -22.53 3.61 -27.33
CA ASP C 120 -21.23 4.26 -27.55
C ASP C 120 -20.65 3.99 -28.95
N GLU C 121 -20.83 2.75 -29.48
CA GLU C 121 -20.34 2.31 -30.79
C GLU C 121 -21.22 2.78 -31.95
N GLU C 122 -20.55 3.25 -32.99
CA GLU C 122 -21.10 3.75 -34.25
C GLU C 122 -22.01 2.75 -34.97
N GLU C 123 -21.62 1.46 -34.92
CA GLU C 123 -22.31 0.33 -35.52
C GLU C 123 -23.43 -0.21 -34.64
N LEU C 124 -23.20 -0.20 -33.31
CA LEU C 124 -24.14 -0.67 -32.26
C LEU C 124 -25.40 0.22 -32.25
N ARG C 125 -25.21 1.50 -32.57
CA ARG C 125 -26.27 2.47 -32.71
C ARG C 125 -27.12 2.15 -33.95
N GLU C 126 -26.48 1.68 -35.05
CA GLU C 126 -27.12 1.31 -36.33
C GLU C 126 -27.76 -0.08 -36.32
N ASN C 127 -27.09 -1.09 -35.73
CA ASN C 127 -27.59 -2.46 -35.59
C ASN C 127 -27.83 -2.73 -34.09
N PRO C 128 -28.88 -2.18 -33.46
CA PRO C 128 -29.10 -2.40 -32.02
C PRO C 128 -29.44 -3.85 -31.70
N PRO C 129 -28.68 -4.49 -30.78
CA PRO C 129 -28.94 -5.90 -30.45
C PRO C 129 -30.35 -6.17 -29.96
N ALA C 130 -30.82 -7.42 -30.17
CA ALA C 130 -32.15 -7.85 -29.71
C ALA C 130 -32.20 -7.73 -28.20
N LYS C 131 -31.06 -7.98 -27.53
CA LYS C 131 -30.92 -7.82 -26.08
C LYS C 131 -29.83 -6.85 -25.79
N VAL C 132 -30.27 -5.78 -25.11
CA VAL C 132 -29.55 -4.57 -24.72
C VAL C 132 -28.18 -4.76 -24.03
N GLN C 133 -27.23 -3.89 -24.39
CA GLN C 133 -25.86 -3.89 -23.87
C GLN C 133 -25.72 -2.70 -22.92
N VAL C 134 -26.03 -2.94 -21.64
CA VAL C 134 -26.02 -1.92 -20.57
C VAL C 134 -24.67 -1.21 -20.44
N ASP C 135 -23.60 -2.01 -20.56
CA ASP C 135 -22.21 -1.56 -20.49
C ASP C 135 -21.79 -0.71 -21.71
N HIS C 136 -22.70 -0.58 -22.70
CA HIS C 136 -22.48 0.19 -23.93
C HIS C 136 -23.37 1.44 -24.06
N ILE C 137 -24.27 1.67 -23.09
CA ILE C 137 -25.16 2.84 -23.11
C ILE C 137 -24.43 4.03 -22.51
N VAL C 138 -24.65 5.19 -23.11
CA VAL C 138 -24.14 6.48 -22.70
C VAL C 138 -25.33 7.39 -22.50
N ARG C 139 -25.48 7.91 -21.27
CA ARG C 139 -26.55 8.83 -20.92
C ARG C 139 -26.12 10.28 -21.10
N ASN C 140 -27.05 11.12 -21.51
CA ASN C 140 -26.80 12.54 -21.60
C ASN C 140 -27.99 13.28 -21.02
N ILE C 141 -27.79 13.78 -19.80
CA ILE C 141 -28.79 14.54 -19.04
C ILE C 141 -28.92 15.93 -19.65
N LEU C 142 -30.13 16.30 -20.04
CA LEU C 142 -30.30 17.63 -20.61
C LEU C 142 -30.45 18.62 -19.46
N ALA C 143 -29.31 18.79 -18.78
CA ALA C 143 -29.05 19.57 -17.58
C ALA C 143 -29.31 21.05 -17.71
N GLU C 144 -29.33 21.58 -18.95
CA GLU C 144 -29.49 23.00 -19.13
C GLU C 144 -30.87 23.48 -18.96
N LYS C 145 -31.87 22.64 -19.30
CA LYS C 145 -33.25 23.11 -19.19
C LYS C 145 -34.11 22.22 -18.30
N PRO C 146 -33.88 22.29 -16.99
CA PRO C 146 -34.68 21.49 -16.08
C PRO C 146 -36.03 22.15 -15.84
N ARG C 147 -36.98 21.39 -15.24
CA ARG C 147 -38.31 21.87 -14.86
C ARG C 147 -38.32 21.94 -13.34
N VAL C 148 -38.38 23.15 -12.78
CA VAL C 148 -38.37 23.31 -11.33
C VAL C 148 -39.77 23.57 -10.79
N THR C 149 -40.17 22.78 -9.78
CA THR C 149 -41.49 22.92 -9.17
C THR C 149 -41.35 23.17 -7.69
N ARG C 150 -42.01 24.24 -7.20
CA ARG C 150 -41.99 24.56 -5.76
C ARG C 150 -43.34 24.14 -5.16
N PHE C 151 -43.32 23.61 -3.95
CA PHE C 151 -44.52 23.25 -3.21
C PHE C 151 -44.43 24.04 -1.91
N ASN C 152 -45.51 24.77 -1.56
CA ASN C 152 -45.50 25.53 -0.33
C ASN C 152 -45.68 24.64 0.86
N ILE C 153 -44.71 24.69 1.80
CA ILE C 153 -44.68 23.88 3.02
C ILE C 153 -44.61 24.79 4.26
N VAL C 154 -45.11 24.29 5.41
CA VAL C 154 -45.17 25.01 6.70
C VAL C 154 -43.83 24.96 7.43
N TRP C 155 -42.81 25.59 6.87
CA TRP C 155 -41.47 25.64 7.47
C TRP C 155 -41.46 25.84 8.99
N ASP C 156 -41.25 24.71 9.76
CA ASP C 156 -41.15 24.61 11.23
C ASP C 156 -42.31 25.20 12.04
N ASN C 157 -42.74 26.43 11.68
CA ASN C 157 -43.82 27.21 12.26
C ASN C 157 -44.79 27.61 11.14
N MET D 3 15.53 -29.20 -18.80
CA MET D 3 14.95 -27.90 -18.42
C MET D 3 15.96 -26.74 -18.09
N SER D 4 15.77 -26.01 -16.96
CA SER D 4 16.61 -24.88 -16.52
C SER D 4 17.71 -25.29 -15.54
N ILE D 5 18.87 -24.60 -15.63
CA ILE D 5 20.05 -24.94 -14.82
C ILE D 5 19.89 -24.55 -13.36
N VAL D 6 19.49 -23.30 -13.10
CA VAL D 6 19.30 -22.82 -11.75
C VAL D 6 17.83 -22.63 -11.52
N SER D 7 17.32 -23.22 -10.43
CA SER D 7 15.94 -23.16 -9.99
C SER D 7 15.91 -22.89 -8.49
N LEU D 8 15.05 -21.94 -8.11
CA LEU D 8 14.85 -21.57 -6.73
C LEU D 8 14.03 -22.65 -6.03
N LEU D 9 14.48 -23.11 -4.86
CA LEU D 9 13.81 -24.14 -4.07
C LEU D 9 12.98 -23.58 -2.88
N GLY D 10 13.56 -22.66 -2.12
CA GLY D 10 12.85 -22.04 -1.01
C GLY D 10 13.50 -20.77 -0.50
N ILE D 11 12.77 -19.99 0.28
CA ILE D 11 13.28 -18.77 0.92
C ILE D 11 12.72 -18.75 2.33
N LYS D 12 13.62 -18.51 3.30
CA LYS D 12 13.28 -18.37 4.70
C LYS D 12 13.62 -16.93 5.09
N VAL D 13 12.60 -16.13 5.46
CA VAL D 13 12.84 -14.77 5.92
C VAL D 13 13.13 -14.98 7.40
N LEU D 14 14.42 -14.86 7.74
CA LEU D 14 14.96 -15.17 9.07
C LEU D 14 14.56 -14.26 10.22
N ASN D 15 14.69 -12.92 10.03
CA ASN D 15 14.31 -11.94 11.05
C ASN D 15 12.95 -11.40 10.71
N ASN D 16 11.90 -12.10 11.22
CA ASN D 16 10.54 -11.72 10.92
C ASN D 16 9.54 -11.98 12.00
N PRO D 17 8.72 -10.98 12.43
CA PRO D 17 8.74 -9.55 12.05
C PRO D 17 10.02 -8.87 12.50
N ALA D 18 10.24 -7.62 12.07
CA ALA D 18 11.45 -6.84 12.34
C ALA D 18 11.23 -5.33 12.39
N LYS D 19 12.22 -4.60 12.93
CA LYS D 19 12.15 -3.13 12.91
C LYS D 19 12.26 -2.74 11.43
N PHE D 20 11.54 -1.69 11.01
CA PHE D 20 11.57 -1.17 9.62
C PHE D 20 13.04 -1.03 9.16
N THR D 21 13.86 -0.42 10.07
CA THR D 21 15.29 -0.09 9.98
C THR D 21 16.22 -1.29 10.06
N ASP D 22 15.69 -2.50 10.29
CA ASP D 22 16.52 -3.71 10.36
C ASP D 22 16.95 -4.18 8.97
N PRO D 23 18.14 -4.81 8.84
CA PRO D 23 18.54 -5.36 7.54
C PRO D 23 17.69 -6.58 7.24
N TYR D 24 17.42 -6.82 5.97
CA TYR D 24 16.67 -7.98 5.53
C TYR D 24 17.61 -9.19 5.57
N GLU D 25 17.18 -10.31 6.19
CA GLU D 25 17.99 -11.53 6.30
C GLU D 25 17.27 -12.72 5.67
N PHE D 26 17.66 -13.10 4.45
CA PHE D 26 17.02 -14.20 3.72
C PHE D 26 17.96 -15.39 3.62
N GLU D 27 17.42 -16.60 3.84
CA GLU D 27 18.18 -17.85 3.66
C GLU D 27 17.64 -18.51 2.37
N ILE D 28 18.30 -18.20 1.26
CA ILE D 28 17.94 -18.67 -0.08
C ILE D 28 18.51 -20.04 -0.40
N THR D 29 17.66 -20.92 -0.95
CA THR D 29 18.04 -22.28 -1.34
C THR D 29 17.73 -22.51 -2.81
N PHE D 30 18.71 -23.04 -3.57
CA PHE D 30 18.54 -23.27 -4.99
C PHE D 30 19.20 -24.53 -5.54
N GLU D 31 18.77 -24.94 -6.75
CA GLU D 31 19.40 -26.07 -7.44
C GLU D 31 20.20 -25.58 -8.63
N CYS D 32 21.42 -26.10 -8.78
CA CYS D 32 22.23 -25.85 -9.96
C CYS D 32 22.46 -27.17 -10.68
N LEU D 33 21.93 -27.32 -11.87
CA LEU D 33 22.05 -28.55 -12.63
C LEU D 33 23.37 -28.79 -13.36
N GLU D 34 23.96 -27.75 -13.94
CA GLU D 34 25.22 -27.84 -14.68
C GLU D 34 26.14 -26.76 -14.16
N SER D 35 27.47 -26.92 -14.30
CA SER D 35 28.36 -25.87 -13.77
C SER D 35 28.23 -24.59 -14.60
N LEU D 36 28.24 -23.42 -13.92
CA LEU D 36 28.04 -22.14 -14.60
C LEU D 36 29.31 -21.35 -14.78
N LYS D 37 29.43 -20.73 -15.98
CA LYS D 37 30.55 -19.88 -16.38
C LYS D 37 30.62 -18.61 -15.53
N HIS D 38 29.45 -18.07 -15.14
CA HIS D 38 29.39 -16.82 -14.36
C HIS D 38 28.71 -16.88 -12.99
N ASP D 39 28.62 -15.70 -12.35
CA ASP D 39 28.00 -15.48 -11.05
C ASP D 39 26.48 -15.29 -11.22
N LEU D 40 25.74 -15.52 -10.13
CA LEU D 40 24.31 -15.27 -10.11
C LEU D 40 24.18 -13.95 -9.37
N GLU D 41 23.17 -13.15 -9.73
CA GLU D 41 23.01 -11.90 -9.00
C GLU D 41 21.64 -11.77 -8.37
N TRP D 42 21.62 -11.74 -7.02
CA TRP D 42 20.41 -11.56 -6.26
C TRP D 42 20.25 -10.10 -5.96
N LYS D 43 19.04 -9.61 -6.18
CA LYS D 43 18.69 -8.23 -5.99
C LYS D 43 17.45 -8.19 -5.14
N LEU D 44 17.42 -7.26 -4.20
CA LEU D 44 16.25 -6.99 -3.38
C LEU D 44 15.87 -5.52 -3.62
N THR D 45 14.59 -5.28 -3.92
CA THR D 45 14.07 -3.96 -4.23
C THR D 45 12.81 -3.72 -3.39
N TYR D 46 12.66 -2.47 -2.92
CA TYR D 46 11.57 -1.93 -2.10
C TYR D 46 10.51 -1.35 -3.02
N VAL D 47 9.30 -1.91 -2.95
CA VAL D 47 8.17 -1.47 -3.77
C VAL D 47 7.10 -0.98 -2.80
N GLY D 48 7.00 0.33 -2.66
CA GLY D 48 6.03 0.91 -1.77
C GLY D 48 5.65 2.31 -2.17
N SER D 49 4.32 2.51 -2.42
CA SER D 49 3.61 3.73 -2.82
C SER D 49 4.17 5.04 -2.28
N SER D 50 4.51 5.94 -3.19
CA SER D 50 4.99 7.30 -2.90
C SER D 50 4.50 8.25 -3.97
N ARG D 51 4.00 9.42 -3.54
CA ARG D 51 3.51 10.43 -4.44
C ARG D 51 4.65 11.41 -4.88
N SER D 52 5.94 10.98 -4.66
CA SER D 52 7.21 11.69 -4.95
C SER D 52 8.15 10.93 -5.90
N LEU D 53 8.02 9.59 -6.00
CA LEU D 53 8.82 8.70 -6.87
C LEU D 53 8.13 7.36 -7.20
N ASP D 56 10.43 2.92 -7.64
CA ASP D 56 11.09 1.70 -7.13
C ASP D 56 12.51 1.95 -6.58
N GLN D 57 12.80 1.44 -5.37
CA GLN D 57 14.05 1.60 -4.61
C GLN D 57 14.83 0.25 -4.47
N GLU D 58 15.94 0.04 -5.24
CA GLU D 58 16.79 -1.17 -5.17
C GLU D 58 17.57 -1.14 -3.86
N LEU D 59 17.20 -2.02 -2.94
CA LEU D 59 17.77 -2.12 -1.61
C LEU D 59 19.22 -2.64 -1.54
N ASP D 60 19.51 -3.74 -2.26
CA ASP D 60 20.85 -4.35 -2.26
C ASP D 60 21.01 -5.39 -3.34
N SER D 61 22.27 -5.73 -3.61
CA SER D 61 22.68 -6.72 -4.59
C SER D 61 23.71 -7.63 -3.94
N ILE D 62 23.77 -8.88 -4.41
CA ILE D 62 24.73 -9.85 -3.94
C ILE D 62 25.08 -10.80 -5.06
N LEU D 63 26.36 -11.13 -5.19
CA LEU D 63 26.82 -12.06 -6.20
C LEU D 63 27.12 -13.37 -5.55
N VAL D 64 26.60 -14.45 -6.13
CA VAL D 64 26.84 -15.81 -5.66
C VAL D 64 27.98 -16.31 -6.55
N GLY D 65 29.15 -16.54 -5.89
CA GLY D 65 30.43 -16.95 -6.46
C GLY D 65 30.39 -18.10 -7.44
N PRO D 66 31.49 -18.86 -7.62
CA PRO D 66 31.46 -19.99 -8.59
C PRO D 66 30.34 -20.97 -8.23
N VAL D 67 29.29 -21.06 -9.08
CA VAL D 67 28.10 -21.85 -8.79
C VAL D 67 28.31 -23.35 -8.96
N PRO D 68 28.35 -24.10 -7.82
CA PRO D 68 28.56 -25.54 -7.91
C PRO D 68 27.28 -26.26 -8.28
N VAL D 69 27.43 -27.48 -8.80
CA VAL D 69 26.29 -28.32 -9.14
C VAL D 69 25.74 -28.90 -7.85
N GLY D 70 24.42 -28.90 -7.76
CA GLY D 70 23.71 -29.46 -6.62
C GLY D 70 22.79 -28.45 -5.98
N VAL D 71 22.36 -28.77 -4.76
CA VAL D 71 21.46 -27.93 -3.99
C VAL D 71 22.31 -27.01 -3.14
N ASN D 72 22.16 -25.70 -3.37
CA ASN D 72 22.93 -24.68 -2.71
C ASN D 72 22.10 -23.77 -1.82
N LYS D 73 22.70 -23.33 -0.71
CA LYS D 73 22.08 -22.51 0.34
C LYS D 73 22.97 -21.34 0.66
N PHE D 74 22.40 -20.18 0.89
CA PHE D 74 23.17 -18.97 1.28
C PHE D 74 22.29 -17.94 1.97
N VAL D 75 22.93 -16.89 2.52
CA VAL D 75 22.20 -15.84 3.23
C VAL D 75 22.39 -14.50 2.59
N PHE D 76 21.26 -13.91 2.17
CA PHE D 76 21.27 -12.59 1.62
C PHE D 76 20.95 -11.62 2.74
N SER D 77 21.93 -10.83 3.14
CA SER D 77 21.80 -9.81 4.18
C SER D 77 21.64 -8.47 3.48
N ALA D 78 20.40 -8.10 3.19
CA ALA D 78 20.18 -6.88 2.44
C ALA D 78 20.08 -5.70 3.36
N ASP D 79 20.50 -4.54 2.86
CA ASP D 79 20.44 -3.31 3.62
C ASP D 79 18.96 -2.88 3.70
N PRO D 80 18.53 -2.18 4.79
CA PRO D 80 17.12 -1.74 4.89
C PRO D 80 16.81 -0.52 4.03
N PRO D 81 15.53 -0.08 3.87
CA PRO D 81 15.27 1.16 3.10
C PRO D 81 15.71 2.37 3.88
N SER D 82 16.14 3.46 3.22
CA SER D 82 16.52 4.64 4.01
C SER D 82 15.28 5.41 4.47
N ALA D 83 15.28 5.88 5.73
CA ALA D 83 14.17 6.62 6.33
C ALA D 83 13.75 7.85 5.51
N GLU D 84 14.69 8.69 5.01
CA GLU D 84 14.13 9.80 4.27
C GLU D 84 13.59 9.47 2.89
N LEU D 85 13.92 8.27 2.37
CA LEU D 85 13.31 7.83 1.11
C LEU D 85 12.05 6.96 1.30
N ILE D 86 11.23 7.38 2.27
CA ILE D 86 9.90 6.87 2.64
C ILE D 86 9.06 8.08 3.17
N PRO D 87 7.77 8.19 2.73
CA PRO D 87 6.91 9.30 3.15
C PRO D 87 7.04 9.74 4.61
N ALA D 88 7.14 11.06 4.85
CA ALA D 88 7.26 11.65 6.19
C ALA D 88 5.90 11.89 6.88
N SER D 89 4.86 12.17 6.08
CA SER D 89 3.48 12.49 6.47
C SER D 89 2.57 11.26 6.62
N GLU D 90 2.91 10.12 5.94
CA GLU D 90 2.08 8.93 5.97
C GLU D 90 2.82 7.62 6.13
N LEU D 91 2.26 6.72 6.96
CA LEU D 91 2.84 5.39 7.14
C LEU D 91 2.15 4.54 6.09
N VAL D 92 2.91 4.07 5.09
CA VAL D 92 2.33 3.20 4.05
C VAL D 92 2.20 1.79 4.63
N SER D 93 1.00 1.49 5.16
CA SER D 93 0.65 0.23 5.81
C SER D 93 1.03 -1.02 5.03
N VAL D 94 0.71 -1.10 3.73
CA VAL D 94 1.07 -2.25 2.91
C VAL D 94 2.06 -1.86 1.80
N THR D 95 3.30 -2.37 1.90
CA THR D 95 4.36 -2.19 0.90
C THR D 95 4.71 -3.58 0.34
N VAL D 96 5.77 -3.66 -0.47
CA VAL D 96 6.20 -4.89 -1.12
C VAL D 96 7.73 -4.93 -1.18
N ILE D 97 8.28 -6.15 -1.29
CA ILE D 97 9.71 -6.36 -1.54
C ILE D 97 9.86 -7.36 -2.65
N LEU D 98 10.71 -7.04 -3.66
CA LEU D 98 10.94 -7.95 -4.76
C LEU D 98 12.36 -8.49 -4.68
N LEU D 99 12.48 -9.79 -4.50
CA LEU D 99 13.76 -10.49 -4.47
C LEU D 99 13.89 -11.17 -5.84
N SER D 100 14.94 -10.82 -6.57
CA SER D 100 15.17 -11.31 -7.93
C SER D 100 16.51 -12.01 -8.14
N CYS D 101 16.62 -12.73 -9.25
CA CYS D 101 17.88 -13.31 -9.68
C CYS D 101 18.17 -13.26 -11.17
N SER D 102 19.31 -12.67 -11.50
CA SER D 102 19.79 -12.56 -12.87
C SER D 102 21.05 -13.40 -13.09
N TYR D 103 21.11 -14.10 -14.23
CA TYR D 103 22.33 -14.81 -14.63
C TYR D 103 22.91 -14.11 -15.85
N ASP D 104 24.14 -13.57 -15.72
CA ASP D 104 24.83 -12.84 -16.81
C ASP D 104 24.07 -11.55 -17.26
N GLY D 105 23.19 -11.05 -16.38
CA GLY D 105 22.38 -9.87 -16.62
C GLY D 105 20.92 -10.14 -16.92
N ARG D 106 20.56 -11.41 -17.16
CA ARG D 106 19.18 -11.79 -17.52
C ARG D 106 18.27 -12.49 -16.42
N GLU D 107 17.25 -11.74 -15.87
CA GLU D 107 16.32 -12.16 -14.82
C GLU D 107 15.63 -13.47 -15.15
N PHE D 108 15.82 -14.51 -14.31
CA PHE D 108 15.19 -15.82 -14.51
C PHE D 108 14.13 -16.15 -13.48
N VAL D 109 14.11 -15.34 -12.38
CA VAL D 109 13.22 -15.49 -11.22
C VAL D 109 12.99 -14.17 -10.52
N ARG D 110 11.78 -13.99 -10.03
CA ARG D 110 11.33 -12.87 -9.24
C ARG D 110 10.39 -13.41 -8.16
N VAL D 111 10.62 -13.01 -6.91
CA VAL D 111 9.80 -13.39 -5.76
C VAL D 111 9.27 -12.09 -5.16
N GLY D 112 7.96 -11.97 -5.09
CA GLY D 112 7.30 -10.80 -4.54
C GLY D 112 6.56 -11.10 -3.26
N TYR D 113 6.78 -10.24 -2.25
CA TYR D 113 6.13 -10.36 -0.96
C TYR D 113 5.38 -9.09 -0.61
N TYR D 114 4.28 -9.24 0.12
CA TYR D 114 3.54 -8.12 0.70
C TYR D 114 4.08 -7.93 2.12
N VAL D 115 4.27 -6.67 2.50
CA VAL D 115 4.81 -6.37 3.83
C VAL D 115 3.82 -5.51 4.61
N ASN D 116 3.44 -5.95 5.81
CA ASN D 116 2.54 -5.18 6.64
C ASN D 116 3.37 -4.32 7.54
N ASN D 117 3.09 -3.01 7.60
CA ASN D 117 3.84 -2.07 8.44
C ASN D 117 2.90 -1.36 9.40
N GLU D 118 3.25 -1.38 10.71
CA GLU D 118 2.47 -0.72 11.77
C GLU D 118 3.41 -0.29 12.89
N TYR D 119 2.92 0.57 13.81
CA TYR D 119 3.71 1.01 14.97
C TYR D 119 3.78 -0.06 16.05
N ASP D 120 4.90 -0.11 16.80
CA ASP D 120 5.14 -1.10 17.87
C ASP D 120 4.29 -0.87 19.11
N GLU D 121 4.04 0.43 19.45
CA GLU D 121 3.26 0.82 20.64
C GLU D 121 1.77 0.75 20.39
N GLU D 122 1.08 0.19 21.40
CA GLU D 122 -0.36 -0.03 21.46
C GLU D 122 -1.17 1.28 21.29
N GLU D 123 -0.65 2.37 21.88
CA GLU D 123 -1.24 3.72 21.85
C GLU D 123 -0.84 4.48 20.59
N LEU D 124 0.40 4.19 20.11
CA LEU D 124 1.02 4.79 18.93
C LEU D 124 0.20 4.44 17.69
N ARG D 125 -0.26 3.20 17.65
CA ARG D 125 -1.10 2.62 16.63
C ARG D 125 -2.46 3.35 16.60
N GLU D 126 -3.00 3.69 17.80
CA GLU D 126 -4.30 4.37 18.00
C GLU D 126 -4.25 5.87 17.74
N ASN D 127 -3.19 6.56 18.24
CA ASN D 127 -2.98 7.99 18.04
C ASN D 127 -1.72 8.19 17.15
N PRO D 128 -1.83 7.95 15.82
CA PRO D 128 -0.64 8.07 14.95
C PRO D 128 -0.16 9.50 14.82
N PRO D 129 1.14 9.76 15.09
CA PRO D 129 1.66 11.13 14.94
C PRO D 129 1.55 11.70 13.52
N ALA D 130 1.56 13.04 13.42
CA ALA D 130 1.51 13.78 12.16
C ALA D 130 2.73 13.41 11.28
N LYS D 131 3.95 13.35 11.92
CA LYS D 131 5.21 12.94 11.28
C LYS D 131 5.53 11.49 11.72
N VAL D 132 5.84 10.60 10.74
CA VAL D 132 6.13 9.18 11.01
C VAL D 132 7.32 8.92 11.92
N GLN D 133 7.14 7.99 12.89
CA GLN D 133 8.19 7.56 13.81
C GLN D 133 8.80 6.28 13.22
N VAL D 134 9.84 6.43 12.37
CA VAL D 134 10.52 5.33 11.65
C VAL D 134 11.05 4.27 12.60
N ASP D 135 11.59 4.73 13.73
CA ASP D 135 12.15 3.88 14.78
C ASP D 135 11.09 3.11 15.55
N HIS D 136 9.81 3.38 15.26
CA HIS D 136 8.65 2.73 15.89
C HIS D 136 7.84 1.83 14.93
N ILE D 137 8.22 1.74 13.66
CA ILE D 137 7.55 0.89 12.68
C ILE D 137 8.14 -0.52 12.79
N VAL D 138 7.24 -1.49 12.70
CA VAL D 138 7.54 -2.92 12.69
C VAL D 138 6.97 -3.48 11.41
N ARG D 139 7.85 -4.09 10.62
CA ARG D 139 7.48 -4.74 9.39
C ARG D 139 7.16 -6.22 9.60
N ASN D 140 6.19 -6.72 8.85
CA ASN D 140 5.88 -8.14 8.85
C ASN D 140 5.71 -8.60 7.43
N ILE D 141 6.74 -9.29 6.94
CA ILE D 141 6.80 -9.84 5.59
C ILE D 141 5.91 -11.07 5.53
N LEU D 142 4.98 -11.07 4.56
CA LEU D 142 4.08 -12.19 4.39
C LEU D 142 4.87 -13.23 3.59
N ALA D 143 5.80 -13.82 4.33
CA ALA D 143 6.78 -14.77 3.87
C ALA D 143 6.21 -16.12 3.45
N GLU D 144 5.08 -16.56 4.03
CA GLU D 144 4.47 -17.85 3.69
C GLU D 144 3.81 -17.79 2.32
N LYS D 145 3.25 -16.64 1.97
CA LYS D 145 2.51 -16.45 0.72
C LYS D 145 3.25 -15.58 -0.33
N PRO D 146 4.41 -16.02 -0.92
CA PRO D 146 5.08 -15.18 -1.94
C PRO D 146 4.55 -15.50 -3.33
N ARG D 147 4.86 -14.63 -4.30
CA ARG D 147 4.52 -14.86 -5.71
C ARG D 147 5.83 -15.10 -6.45
N VAL D 148 6.01 -16.33 -6.95
CA VAL D 148 7.23 -16.70 -7.64
C VAL D 148 7.00 -16.71 -9.14
N THR D 149 7.84 -15.97 -9.87
CA THR D 149 7.74 -15.89 -11.32
C THR D 149 9.02 -16.38 -11.95
N ARG D 150 8.90 -17.30 -12.90
CA ARG D 150 10.03 -17.82 -13.67
C ARG D 150 10.02 -17.16 -15.07
N PHE D 151 11.19 -16.84 -15.57
CA PHE D 151 11.37 -16.29 -16.92
C PHE D 151 12.33 -17.24 -17.61
N ASN D 152 11.96 -17.73 -18.80
CA ASN D 152 12.86 -18.63 -19.50
C ASN D 152 13.99 -17.86 -20.12
N ILE D 153 15.23 -18.22 -19.77
CA ILE D 153 16.43 -17.54 -20.29
C ILE D 153 17.39 -18.51 -20.99
N VAL D 154 18.32 -17.92 -21.76
CA VAL D 154 19.41 -18.63 -22.43
C VAL D 154 20.54 -18.64 -21.40
N TRP D 155 21.06 -19.83 -21.07
CA TRP D 155 22.06 -19.98 -20.02
C TRP D 155 23.51 -19.79 -20.48
N ASP D 156 24.19 -20.89 -20.87
CA ASP D 156 25.58 -20.85 -21.36
C ASP D 156 25.70 -21.38 -22.79
N VAL E 4 8.66 -10.53 25.17
CA VAL E 4 9.57 -11.63 24.74
C VAL E 4 9.02 -12.31 23.48
N LYS E 5 9.85 -12.35 22.43
CA LYS E 5 9.45 -12.91 21.15
C LYS E 5 9.45 -14.41 21.09
N ARG E 6 8.55 -14.95 20.26
CA ARG E 6 8.48 -16.39 20.05
C ARG E 6 8.99 -16.75 18.64
N ALA E 7 9.53 -17.97 18.51
CA ALA E 7 10.04 -18.53 17.26
C ALA E 7 9.28 -19.80 16.94
N LYS E 8 8.91 -19.98 15.66
CA LYS E 8 8.27 -21.23 15.32
C LYS E 8 9.34 -22.31 15.31
N LEU E 9 8.97 -23.45 15.85
CA LEU E 9 9.86 -24.56 15.96
C LEU E 9 9.56 -25.55 14.86
N ASP E 10 10.58 -25.98 14.11
CA ASP E 10 10.42 -26.93 13.02
C ASP E 10 10.85 -28.35 13.39
N GLN E 11 9.88 -29.27 13.47
CA GLN E 11 10.24 -30.66 13.69
C GLN E 11 10.64 -31.24 12.34
N THR E 12 11.98 -31.24 12.12
CA THR E 12 12.74 -31.67 10.94
C THR E 12 11.98 -32.66 10.06
N SER E 13 11.97 -33.92 10.51
CA SER E 13 11.33 -35.11 9.98
C SER E 13 10.00 -34.96 9.23
N LYS E 14 9.12 -34.01 9.60
CA LYS E 14 7.80 -33.94 9.00
C LYS E 14 7.48 -33.09 7.70
N GLY E 15 7.87 -31.82 7.63
CA GLY E 15 7.49 -31.02 6.46
C GLY E 15 8.59 -30.64 5.48
N PRO E 16 8.35 -29.65 4.55
CA PRO E 16 9.44 -29.24 3.63
C PRO E 16 10.46 -28.42 4.41
N GLU E 17 11.72 -28.42 3.93
CA GLU E 17 12.80 -27.69 4.57
C GLU E 17 13.43 -26.83 3.48
N ASN E 18 14.30 -27.43 2.60
CA ASN E 18 14.90 -26.76 1.44
C ASN E 18 13.81 -26.17 0.54
N LEU E 19 12.65 -26.86 0.48
CA LEU E 19 11.56 -26.37 -0.36
C LEU E 19 10.59 -25.47 0.37
N GLN E 20 10.85 -25.15 1.66
CA GLN E 20 9.90 -24.31 2.35
C GLN E 20 10.06 -22.82 2.11
N PHE E 21 8.89 -22.12 1.91
CA PHE E 21 8.70 -20.66 1.90
C PHE E 21 8.00 -20.25 3.21
N SER E 22 8.79 -19.62 4.11
CA SER E 22 8.39 -19.08 5.42
C SER E 22 9.41 -18.04 5.84
N VAL F 4 -11.37 10.22 -26.92
CA VAL F 4 -10.67 11.02 -25.93
C VAL F 4 -11.65 11.97 -25.22
N LYS F 5 -11.97 11.64 -23.94
CA LYS F 5 -12.90 12.40 -23.10
C LYS F 5 -12.53 13.87 -23.15
N ARG F 6 -13.54 14.74 -23.34
CA ARG F 6 -13.36 16.20 -23.41
C ARG F 6 -14.15 16.91 -22.32
N ALA F 7 -13.66 18.07 -21.91
CA ALA F 7 -14.32 18.84 -20.86
C ALA F 7 -14.71 20.18 -21.35
N LYS F 8 -15.69 20.77 -20.67
CA LYS F 8 -16.19 22.07 -21.04
C LYS F 8 -15.86 22.99 -19.91
N LEU F 9 -15.10 24.06 -20.22
CA LEU F 9 -14.65 25.03 -19.23
C LEU F 9 -15.75 25.94 -18.67
N ASP F 10 -15.49 26.54 -17.47
CA ASP F 10 -16.37 27.51 -16.82
C ASP F 10 -15.53 28.73 -16.50
N GLN F 11 -15.72 29.82 -17.25
CA GLN F 11 -14.97 31.06 -17.04
C GLN F 11 -15.57 31.87 -15.89
N THR F 12 -14.76 32.15 -14.87
CA THR F 12 -15.18 32.89 -13.67
C THR F 12 -15.48 34.38 -13.96
N SER F 13 -16.63 34.64 -14.68
CA SER F 13 -17.14 35.97 -15.06
C SER F 13 -18.61 35.89 -15.52
N GLN F 20 -5.98 25.77 -0.91
CA GLN F 20 -7.14 25.83 -1.80
C GLN F 20 -7.49 24.43 -2.37
N PHE F 21 -7.17 23.36 -1.60
CA PHE F 21 -7.33 21.98 -2.05
C PHE F 21 -8.13 21.15 -1.07
N SER F 22 -9.23 20.52 -1.57
CA SER F 22 -10.13 19.65 -0.82
C SER F 22 -10.92 18.78 -1.79
N LYS G 3 -25.88 2.98 5.28
CA LYS G 3 -27.25 3.02 4.75
C LYS G 3 -27.82 4.46 4.65
N VAL G 4 -27.19 5.43 5.35
CA VAL G 4 -27.59 6.86 5.36
C VAL G 4 -26.56 7.80 4.74
N LYS G 5 -26.71 8.10 3.44
CA LYS G 5 -25.80 9.06 2.89
C LYS G 5 -26.07 10.43 3.58
N ARG G 6 -25.01 11.08 4.05
CA ARG G 6 -25.08 12.39 4.67
C ARG G 6 -24.08 13.33 4.00
N ALA G 7 -24.59 14.46 3.58
CA ALA G 7 -23.85 15.44 2.85
C ALA G 7 -23.05 16.31 3.77
N LYS G 8 -21.78 16.48 3.43
CA LYS G 8 -20.86 17.40 4.07
C LYS G 8 -20.98 18.71 3.21
N LEU G 9 -21.44 19.81 3.84
CA LEU G 9 -21.62 21.09 3.16
C LEU G 9 -20.31 21.75 2.68
N ASP G 10 -20.46 22.92 1.99
CA ASP G 10 -19.46 23.88 1.50
C ASP G 10 -20.10 25.11 0.81
N GLU G 17 -23.45 31.95 -11.90
CA GLU G 17 -22.53 30.98 -11.26
C GLU G 17 -23.17 29.96 -10.30
N ASN G 18 -23.47 30.35 -9.09
CA ASN G 18 -24.06 29.39 -8.20
C ASN G 18 -25.61 29.42 -8.22
N LEU G 19 -26.15 29.90 -9.37
CA LEU G 19 -27.55 30.07 -9.72
C LEU G 19 -27.81 29.52 -11.10
N GLN G 20 -26.84 28.75 -11.64
CA GLN G 20 -26.94 28.15 -12.96
C GLN G 20 -27.37 26.71 -12.83
N PHE G 21 -27.92 26.18 -13.92
CA PHE G 21 -28.24 24.78 -14.10
C PHE G 21 -27.43 24.41 -15.34
N SER G 22 -26.31 23.70 -15.12
CA SER G 22 -25.28 23.25 -16.08
C SER G 22 -25.15 24.07 -17.36
N VAL H 4 27.80 -6.28 -5.81
CA VAL H 4 28.55 -5.48 -4.84
C VAL H 4 29.21 -6.37 -3.76
N LYS H 5 28.48 -7.42 -3.29
CA LYS H 5 28.91 -8.38 -2.25
C LYS H 5 29.01 -9.77 -2.84
N ARG H 6 29.74 -10.67 -2.15
CA ARG H 6 29.89 -12.07 -2.55
C ARG H 6 29.38 -13.00 -1.44
N ALA H 7 28.68 -14.06 -1.84
CA ALA H 7 28.04 -14.99 -0.92
C ALA H 7 28.88 -16.20 -0.60
N LYS H 8 28.89 -16.60 0.70
CA LYS H 8 29.58 -17.79 1.20
C LYS H 8 28.51 -18.90 1.15
N LEU H 9 28.66 -19.85 0.20
CA LEU H 9 27.68 -20.94 0.00
C LEU H 9 27.72 -22.08 1.02
N ASP H 10 26.80 -23.08 0.84
CA ASP H 10 26.68 -24.31 1.63
C ASP H 10 26.34 -25.53 0.74
N GLN H 20 29.66 -30.84 13.99
CA GLN H 20 28.23 -30.47 14.06
C GLN H 20 27.99 -28.95 14.29
N PHE H 21 29.06 -28.19 14.56
CA PHE H 21 29.01 -26.75 14.85
C PHE H 21 29.78 -25.97 13.79
N SER H 22 29.07 -25.05 13.11
CA SER H 22 29.59 -24.20 12.04
C SER H 22 28.73 -22.94 11.92
S SO4 I . 35.52 3.76 27.11
O1 SO4 I . 35.56 2.80 28.28
O2 SO4 I . 34.14 4.13 26.78
O3 SO4 I . 36.24 5.01 27.44
O4 SO4 I . 36.15 3.22 25.90
S SO4 J . -1.36 -10.51 -6.36
O1 SO4 J . -1.72 -10.09 -5.01
O2 SO4 J . -2.56 -10.29 -7.26
O3 SO4 J . -0.18 -9.67 -6.90
O4 SO4 J . -1.08 -11.98 -6.26
C1 GOL K . -2.80 19.53 -29.53
O1 GOL K . -2.50 18.14 -29.81
C2 GOL K . -4.11 19.79 -30.19
O2 GOL K . -4.95 19.42 -29.08
C3 GOL K . -4.30 21.27 -30.44
O3 GOL K . -4.74 21.70 -31.74
S SO4 L . -39.58 -5.34 -20.45
O1 SO4 L . -39.85 -4.03 -19.72
O2 SO4 L . -40.79 -6.12 -20.35
O3 SO4 L . -39.20 -5.23 -21.88
O4 SO4 L . -38.43 -6.07 -19.88
S SO4 M . 5.47 12.44 0.49
O1 SO4 M . 4.81 11.76 1.60
O2 SO4 M . 4.68 13.61 0.11
O3 SO4 M . 6.78 12.88 0.97
O4 SO4 M . 5.61 11.53 -0.68
#